data_3M5U
#
_entry.id   3M5U
#
_cell.length_a   54.738
_cell.length_b   105.865
_cell.length_c   70.009
_cell.angle_alpha   90.00
_cell.angle_beta   99.22
_cell.angle_gamma   90.00
#
_symmetry.space_group_name_H-M   'P 1 21 1'
#
loop_
_entity.id
_entity.type
_entity.pdbx_description
1 polymer 'Phosphoserine aminotransferase'
2 non-polymer GLYCEROL
3 non-polymer '2-(N-MORPHOLINO)-ETHANESULFONIC ACID'
4 water water
#
_entity_poly.entity_id   1
_entity_poly.type   'polypeptide(L)'
_entity_poly.pdbx_seq_one_letter_code
;SNA(MSE)RKINFSAGPSTLPLEILEQAQKELCDYQGRGYSI(MSE)EISHRTKVFEEVHFGAQEKAKKLYELNDDYEVL
FLQGGASLQFA(MSE)IP(MSE)NLALNGVCEYANTGVWTKKAIKEAQILGVNVKTVASSEESNFDHIPRVEFSDNADYA
YICSNNTIYGTQYQNYPKTKTPLIVDASSDFFSRKVDFSNIALFYGGVQKNAGISGLSCIFIRKD(MSE)LERSKNKQIP
S(MSE)LNYLTHAENQSLFNTPPTFAIY(MSE)FNLE(MSE)DWLLNQGGLDKVHEKNSQKAT(MSE)LYECIDLSNGFY
KGHADKKDRSL(MSE)NVSFNIAKNKDLEPLFVKEAEEAG(MSE)IGLKGHRILGGIRASIYNALNLDQVKTLCEF
(MSE)KEFQGKYA
;
_entity_poly.pdbx_strand_id   A,B
#
# COMPACT_ATOMS: atom_id res chain seq x y z
N ARG A 5 -6.45 -23.14 -14.18
CA ARG A 5 -5.55 -21.99 -14.03
C ARG A 5 -4.38 -21.99 -15.03
N LYS A 6 -4.12 -20.82 -15.62
CA LYS A 6 -3.00 -20.63 -16.52
C LYS A 6 -1.65 -20.83 -15.80
N ILE A 7 -0.62 -21.20 -16.57
CA ILE A 7 0.71 -21.17 -16.00
C ILE A 7 1.17 -19.75 -16.19
N ASN A 8 1.55 -19.11 -15.09
CA ASN A 8 1.74 -17.69 -15.16
C ASN A 8 3.16 -17.25 -14.90
N PHE A 9 3.84 -16.75 -15.95
CA PHE A 9 5.23 -16.32 -15.84
C PHE A 9 5.43 -14.81 -15.64
N SER A 10 4.39 -14.08 -15.25
CA SER A 10 4.53 -12.63 -15.04
C SER A 10 5.67 -12.25 -14.08
N ALA A 11 6.33 -11.15 -14.40
CA ALA A 11 7.46 -10.64 -13.66
C ALA A 11 7.05 -9.80 -12.45
N GLY A 12 5.76 -9.56 -12.29
CA GLY A 12 5.33 -8.78 -11.14
C GLY A 12 4.26 -7.77 -11.49
N PRO A 13 3.12 -7.83 -10.79
CA PRO A 13 2.85 -8.84 -9.77
C PRO A 13 2.93 -10.23 -10.37
N SER A 14 3.18 -11.21 -9.53
CA SER A 14 3.49 -12.54 -10.03
C SER A 14 2.54 -13.59 -9.47
N THR A 15 2.64 -14.81 -9.99
CA THR A 15 1.73 -15.86 -9.59
C THR A 15 1.91 -16.21 -8.10
N LEU A 16 0.83 -16.61 -7.42
CA LEU A 16 0.92 -17.00 -6.02
C LEU A 16 0.73 -18.50 -5.87
N PRO A 17 1.34 -19.07 -4.83
CA PRO A 17 1.10 -20.50 -4.57
C PRO A 17 -0.38 -20.71 -4.43
N LEU A 18 -0.92 -21.70 -5.13
CA LEU A 18 -2.36 -21.91 -5.13
C LEU A 18 -2.93 -22.15 -3.71
N GLU A 19 -2.19 -22.86 -2.88
CA GLU A 19 -2.71 -23.20 -1.56
C GLU A 19 -2.85 -21.94 -0.70
N ILE A 20 -2.01 -20.96 -0.94
CA ILE A 20 -2.14 -19.70 -0.24
C ILE A 20 -3.39 -18.95 -0.72
N LEU A 21 -3.62 -18.98 -2.04
CA LEU A 21 -4.81 -18.38 -2.64
C LEU A 21 -6.07 -19.04 -2.11
N GLU A 22 -6.04 -20.36 -2.07
CA GLU A 22 -7.17 -21.16 -1.62
C GLU A 22 -7.54 -20.89 -0.17
N GLN A 23 -6.51 -20.75 0.66
CA GLN A 23 -6.71 -20.46 2.06
C GLN A 23 -7.35 -19.08 2.21
N ALA A 24 -6.86 -18.11 1.45
CA ALA A 24 -7.35 -16.73 1.55
C ALA A 24 -8.79 -16.64 1.04
N GLN A 25 -9.08 -17.41 0.01
CA GLN A 25 -10.42 -17.47 -0.54
C GLN A 25 -11.38 -18.02 0.51
N LYS A 26 -11.08 -19.21 1.01
CA LYS A 26 -12.03 -19.89 1.89
C LYS A 26 -12.39 -19.09 3.13
N GLU A 27 -11.53 -18.13 3.49
CA GLU A 27 -11.79 -17.41 4.72
C GLU A 27 -11.84 -15.91 4.51
N LEU A 28 -12.06 -15.51 3.27
CA LEU A 28 -12.15 -14.09 2.95
C LEU A 28 -13.30 -13.32 3.67
N CYS A 29 -14.42 -14.00 3.93
CA CYS A 29 -15.59 -13.33 4.55
C CYS A 29 -15.62 -13.61 6.05
N ASP A 30 -14.87 -14.63 6.45
CA ASP A 30 -14.98 -15.15 7.80
C ASP A 30 -13.67 -15.75 8.30
N TYR A 31 -12.76 -14.89 8.71
CA TYR A 31 -11.42 -15.31 9.04
C TYR A 31 -11.47 -16.16 10.28
N GLN A 32 -11.12 -17.43 10.13
CA GLN A 32 -10.98 -18.34 11.27
C GLN A 32 -12.27 -18.44 12.07
N GLY A 33 -13.39 -18.26 11.40
CA GLY A 33 -14.70 -18.29 12.06
C GLY A 33 -14.96 -17.17 13.05
N ARG A 34 -14.12 -16.12 13.05
CA ARG A 34 -14.27 -14.99 13.97
C ARG A 34 -15.44 -14.08 13.61
N GLY A 35 -15.99 -14.23 12.41
CA GLY A 35 -17.16 -13.48 11.98
C GLY A 35 -16.91 -12.17 11.27
N TYR A 36 -15.75 -12.05 10.64
CA TYR A 36 -15.39 -10.89 9.83
C TYR A 36 -14.19 -11.29 9.00
N SER A 37 -13.93 -10.49 7.97
CA SER A 37 -12.76 -10.66 7.12
C SER A 37 -11.44 -10.13 7.74
N ILE A 38 -10.34 -10.82 7.48
CA ILE A 38 -9.05 -10.28 7.92
C ILE A 38 -8.87 -8.84 7.38
N GLU A 40 -10.90 -6.60 7.41
CA GLU A 40 -11.97 -5.75 7.94
C GLU A 40 -11.83 -5.24 9.37
N ILE A 41 -10.70 -5.52 10.02
CA ILE A 41 -10.57 -5.00 11.39
C ILE A 41 -9.44 -4.01 11.58
N SER A 42 -9.29 -3.55 12.83
CA SER A 42 -8.20 -2.67 13.16
C SER A 42 -6.90 -3.48 13.21
N HIS A 43 -5.82 -2.80 12.86
CA HIS A 43 -4.48 -3.33 13.02
C HIS A 43 -4.13 -3.42 14.50
N ARG A 44 -4.84 -2.66 15.32
CA ARG A 44 -4.58 -2.62 16.76
C ARG A 44 -5.50 -3.58 17.50
N THR A 45 -5.45 -4.86 17.13
CA THR A 45 -6.22 -5.92 17.74
C THR A 45 -5.23 -7.03 18.00
N LYS A 46 -5.54 -7.91 18.94
CA LYS A 46 -4.67 -9.03 19.28
C LYS A 46 -4.54 -9.89 18.04
N VAL A 47 -5.66 -10.03 17.35
CA VAL A 47 -5.71 -10.90 16.19
C VAL A 47 -4.76 -10.41 15.07
N PHE A 48 -4.85 -9.13 14.66
CA PHE A 48 -3.94 -8.66 13.62
C PHE A 48 -2.48 -8.68 14.06
N GLU A 49 -2.24 -8.35 15.32
CA GLU A 49 -0.89 -8.37 15.84
C GLU A 49 -0.26 -9.74 15.71
N GLU A 50 -1.00 -10.80 16.03
CA GLU A 50 -0.51 -12.16 15.89
C GLU A 50 0.08 -12.39 14.49
N VAL A 51 -0.67 -11.97 13.47
CA VAL A 51 -0.27 -12.09 12.09
C VAL A 51 0.91 -11.16 11.79
N HIS A 52 0.84 -9.93 12.29
CA HIS A 52 1.83 -8.89 12.05
C HIS A 52 3.17 -9.33 12.61
N PHE A 53 3.17 -9.74 13.85
CA PHE A 53 4.41 -10.05 14.54
C PHE A 53 4.92 -11.47 14.26
N GLY A 54 4.00 -12.37 13.94
CA GLY A 54 4.41 -13.69 13.48
C GLY A 54 5.16 -13.62 12.14
N ALA A 55 4.68 -12.78 11.23
CA ALA A 55 5.37 -12.55 9.94
C ALA A 55 6.80 -11.96 10.08
N GLN A 56 6.97 -11.00 11.01
CA GLN A 56 8.30 -10.43 11.28
C GLN A 56 9.27 -11.50 11.77
N GLU A 57 8.78 -12.36 12.66
CA GLU A 57 9.59 -13.41 13.26
C GLU A 57 9.92 -14.50 12.24
N LYS A 58 8.94 -14.94 11.44
CA LYS A 58 9.22 -15.99 10.46
C LYS A 58 10.19 -15.51 9.38
N ALA A 59 10.08 -14.25 8.97
CA ALA A 59 11.00 -13.72 7.98
C ALA A 59 12.41 -13.81 8.56
N LYS A 60 12.55 -13.43 9.82
CA LYS A 60 13.86 -13.47 10.45
C LYS A 60 14.36 -14.91 10.57
N LYS A 61 13.46 -15.86 10.85
CA LYS A 61 13.88 -17.27 10.93
C LYS A 61 14.34 -17.78 9.57
N LEU A 62 13.64 -17.40 8.50
CA LEU A 62 13.98 -17.92 7.17
C LEU A 62 15.39 -17.52 6.80
N TYR A 63 15.73 -16.27 7.09
CA TYR A 63 17.06 -15.72 6.82
C TYR A 63 18.08 -15.93 7.96
N GLU A 64 17.67 -16.53 9.07
CA GLU A 64 18.56 -16.70 10.23
C GLU A 64 19.14 -15.37 10.67
N LEU A 65 18.31 -14.34 10.64
CA LEU A 65 18.68 -13.03 11.16
C LEU A 65 18.67 -12.99 12.71
N ASN A 66 19.62 -12.26 13.27
CA ASN A 66 19.69 -12.06 14.71
C ASN A 66 19.03 -10.76 15.12
N ASP A 67 19.18 -10.41 16.39
CA ASP A 67 18.53 -9.20 16.88
C ASP A 67 19.17 -7.90 16.42
N ASP A 68 20.20 -7.97 15.59
CA ASP A 68 20.76 -6.73 15.06
C ASP A 68 19.84 -6.11 14.03
N TYR A 69 18.88 -6.89 13.52
CA TYR A 69 17.93 -6.36 12.52
C TYR A 69 16.50 -6.24 12.99
N GLU A 70 15.82 -5.20 12.50
CA GLU A 70 14.38 -5.02 12.60
C GLU A 70 13.75 -5.40 11.26
N VAL A 71 12.61 -6.08 11.30
CA VAL A 71 11.80 -6.26 10.12
C VAL A 71 10.67 -5.21 10.05
N LEU A 72 10.74 -4.31 9.06
CA LEU A 72 9.70 -3.31 8.81
C LEU A 72 8.76 -3.66 7.64
N PHE A 73 7.47 -3.41 7.83
CA PHE A 73 6.48 -3.61 6.78
C PHE A 73 5.97 -2.24 6.38
N LEU A 74 6.33 -1.77 5.18
CA LEU A 74 5.93 -0.44 4.71
C LEU A 74 5.10 -0.54 3.41
N GLN A 75 4.46 0.56 3.05
CA GLN A 75 3.75 0.68 1.76
C GLN A 75 4.61 1.43 0.76
N GLY A 76 4.25 1.35 -0.52
CA GLY A 76 4.86 2.18 -1.55
C GLY A 76 5.83 1.45 -2.46
N GLY A 77 5.90 0.13 -2.31
CA GLY A 77 6.75 -0.67 -3.17
C GLY A 77 8.20 -0.28 -3.04
N ALA A 78 9.05 -0.95 -3.82
CA ALA A 78 10.50 -0.74 -3.74
C ALA A 78 10.86 0.71 -4.10
N SER A 79 10.06 1.31 -4.97
CA SER A 79 10.32 2.68 -5.44
C SER A 79 10.37 3.73 -4.35
N LEU A 80 9.54 3.57 -3.33
CA LEU A 80 9.61 4.51 -2.22
C LEU A 80 10.97 4.39 -1.51
N GLN A 81 11.47 3.16 -1.40
CA GLN A 81 12.78 2.92 -0.82
C GLN A 81 13.91 3.71 -1.54
N PHE A 82 13.86 3.79 -2.87
CA PHE A 82 14.88 4.58 -3.60
C PHE A 82 15.03 5.99 -3.01
N ALA A 83 13.94 6.53 -2.46
CA ALA A 83 13.97 7.81 -1.79
C ALA A 83 14.20 7.71 -0.27
N ILE A 85 15.81 5.53 1.33
CA ILE A 85 17.13 5.02 1.67
C ILE A 85 18.07 6.21 1.87
N PRO A 86 18.17 7.08 0.87
CA PRO A 86 19.08 8.25 0.98
C PRO A 86 18.63 9.25 2.05
N ASN A 88 17.37 8.69 4.75
CA ASN A 88 17.58 8.17 6.09
C ASN A 88 19.04 7.90 6.38
N LEU A 89 19.72 7.24 5.45
CA LEU A 89 21.01 6.60 5.73
C LEU A 89 22.15 7.42 5.15
N ALA A 90 21.82 8.47 4.41
CA ALA A 90 22.83 9.38 3.87
C ALA A 90 23.42 10.26 4.97
N LEU A 91 24.71 10.56 4.83
CA LEU A 91 25.33 11.65 5.58
C LEU A 91 26.03 12.64 4.64
N ASN A 92 27.05 13.30 5.16
CA ASN A 92 27.85 14.23 4.36
C ASN A 92 28.74 13.51 3.36
N GLY A 93 28.77 12.18 3.45
CA GLY A 93 29.76 11.40 2.75
C GLY A 93 29.41 11.17 1.29
N VAL A 94 30.15 10.27 0.65
CA VAL A 94 29.74 9.74 -0.65
C VAL A 94 28.80 8.56 -0.49
N CYS A 95 27.78 8.50 -1.35
CA CYS A 95 26.94 7.31 -1.46
C CYS A 95 27.22 6.56 -2.76
N GLU A 96 27.72 5.33 -2.63
CA GLU A 96 28.23 4.58 -3.77
C GLU A 96 27.20 3.59 -4.27
N TYR A 97 27.04 3.56 -5.58
CA TYR A 97 26.05 2.71 -6.24
C TYR A 97 26.69 1.90 -7.36
N ALA A 98 26.24 0.65 -7.50
CA ALA A 98 26.65 -0.15 -8.65
C ALA A 98 25.48 -0.26 -9.64
N ASN A 99 25.70 0.20 -10.87
CA ASN A 99 24.64 0.29 -11.86
C ASN A 99 24.46 -1.00 -12.68
N THR A 100 23.41 -1.77 -12.41
CA THR A 100 23.24 -3.06 -13.07
C THR A 100 21.95 -3.24 -13.86
N GLY A 101 21.13 -2.20 -13.92
CA GLY A 101 19.91 -2.28 -14.70
C GLY A 101 19.01 -1.07 -14.49
N VAL A 102 17.76 -1.28 -14.88
CA VAL A 102 16.78 -0.22 -14.89
C VAL A 102 16.57 0.29 -13.47
N TRP A 103 16.60 -0.65 -12.52
N TRP A 103 16.55 -0.64 -12.52
CA TRP A 103 16.23 -0.31 -11.16
CA TRP A 103 16.22 -0.32 -11.14
C TRP A 103 17.32 0.40 -10.36
C TRP A 103 17.32 0.41 -10.37
N THR A 104 18.58 0.18 -10.72
CA THR A 104 19.64 0.96 -10.12
C THR A 104 19.78 2.33 -10.76
N LYS A 105 19.53 2.42 -12.06
CA LYS A 105 19.45 3.73 -12.70
C LYS A 105 18.42 4.61 -11.98
N LYS A 106 17.26 4.04 -11.70
CA LYS A 106 16.20 4.80 -11.05
C LYS A 106 16.61 5.18 -9.64
N ALA A 107 17.23 4.24 -8.92
CA ALA A 107 17.61 4.50 -7.56
C ALA A 107 18.64 5.64 -7.51
N ILE A 108 19.60 5.58 -8.44
CA ILE A 108 20.60 6.63 -8.58
C ILE A 108 19.98 8.00 -8.81
N LYS A 109 19.00 8.05 -9.70
CA LYS A 109 18.35 9.31 -10.01
C LYS A 109 17.67 9.91 -8.78
N GLU A 110 16.95 9.09 -8.03
CA GLU A 110 16.29 9.61 -6.84
C GLU A 110 17.28 10.19 -5.80
N ALA A 111 18.38 9.49 -5.52
CA ALA A 111 19.37 9.99 -4.57
C ALA A 111 19.94 11.33 -5.05
N GLN A 112 20.23 11.41 -6.34
CA GLN A 112 20.71 12.65 -6.95
C GLN A 112 19.68 13.79 -6.83
N ILE A 113 18.42 13.46 -7.04
CA ILE A 113 17.35 14.43 -6.84
C ILE A 113 17.39 14.99 -5.42
N LEU A 114 17.63 14.11 -4.44
CA LEU A 114 17.71 14.50 -3.04
C LEU A 114 19.01 15.25 -2.75
N GLY A 115 19.84 15.40 -3.77
CA GLY A 115 21.08 16.14 -3.64
C GLY A 115 22.14 15.34 -2.90
N VAL A 116 21.99 14.02 -2.87
CA VAL A 116 23.03 13.18 -2.26
C VAL A 116 24.27 13.24 -3.17
N ASN A 117 25.45 13.25 -2.57
CA ASN A 117 26.68 13.05 -3.35
C ASN A 117 26.80 11.60 -3.80
N VAL A 118 26.37 11.31 -5.03
CA VAL A 118 26.32 9.95 -5.53
C VAL A 118 27.51 9.61 -6.43
N LYS A 119 28.16 8.48 -6.15
CA LYS A 119 29.21 7.95 -7.00
C LYS A 119 28.79 6.57 -7.55
N THR A 120 28.75 6.46 -8.87
CA THR A 120 28.50 5.18 -9.53
C THR A 120 29.84 4.47 -9.70
N VAL A 121 30.18 3.58 -8.76
CA VAL A 121 31.49 2.96 -8.75
C VAL A 121 31.68 1.90 -9.83
N ALA A 122 30.59 1.48 -10.46
CA ALA A 122 30.69 0.46 -11.51
C ALA A 122 29.38 0.42 -12.27
N SER A 123 29.41 -0.14 -13.49
CA SER A 123 28.24 -0.10 -14.34
C SER A 123 28.36 -1.02 -15.53
N SER A 124 27.30 -1.77 -15.83
CA SER A 124 27.29 -2.56 -17.08
C SER A 124 26.37 -2.00 -18.14
N GLU A 125 26.04 -0.72 -18.01
CA GLU A 125 25.16 -0.06 -18.96
C GLU A 125 25.66 -0.07 -20.41
N GLU A 126 26.96 0.12 -20.60
CA GLU A 126 27.51 0.19 -21.96
C GLU A 126 27.16 -1.06 -22.74
N SER A 127 27.34 -2.19 -22.05
CA SER A 127 27.08 -3.51 -22.58
C SER A 127 25.56 -3.84 -22.63
N ASN A 128 24.74 -2.83 -22.37
CA ASN A 128 23.31 -3.04 -22.21
C ASN A 128 22.96 -3.95 -21.00
N PHE A 129 23.75 -3.84 -19.94
CA PHE A 129 23.45 -4.49 -18.67
C PHE A 129 23.41 -6.01 -18.82
N ASP A 130 24.33 -6.58 -19.57
CA ASP A 130 24.21 -8.00 -19.87
C ASP A 130 25.06 -8.86 -18.96
N HIS A 131 25.58 -8.23 -17.91
CA HIS A 131 26.44 -8.90 -16.93
C HIS A 131 26.58 -7.99 -15.72
N ILE A 132 27.00 -8.57 -14.59
CA ILE A 132 27.29 -7.81 -13.40
C ILE A 132 28.76 -7.43 -13.46
N PRO A 133 29.06 -6.12 -13.46
CA PRO A 133 30.50 -5.82 -13.60
C PRO A 133 31.24 -6.08 -12.29
N ARG A 134 32.56 -5.99 -12.34
CA ARG A 134 33.36 -6.09 -11.13
C ARG A 134 32.99 -4.87 -10.29
N VAL A 135 32.52 -5.12 -9.08
CA VAL A 135 32.15 -4.02 -8.21
C VAL A 135 33.12 -3.90 -7.07
N GLU A 136 33.80 -2.77 -6.97
CA GLU A 136 34.64 -2.50 -5.80
C GLU A 136 34.17 -1.26 -5.08
N PHE A 137 33.64 -1.42 -3.88
CA PHE A 137 33.20 -0.25 -3.14
C PHE A 137 34.38 0.27 -2.34
N SER A 138 34.37 1.57 -2.01
CA SER A 138 35.38 2.08 -1.11
C SER A 138 34.99 1.72 0.33
N ASP A 139 35.97 1.75 1.23
CA ASP A 139 35.74 1.35 2.61
C ASP A 139 35.20 2.46 3.49
N ASN A 140 35.15 3.68 2.98
CA ASN A 140 34.70 4.81 3.79
C ASN A 140 33.44 5.53 3.30
N ALA A 141 32.62 4.90 2.48
CA ALA A 141 31.45 5.60 1.96
C ALA A 141 30.39 5.57 3.04
N ASP A 142 29.41 6.45 2.90
CA ASP A 142 28.23 6.46 3.74
C ASP A 142 27.42 5.16 3.57
N TYR A 143 27.26 4.71 2.35
CA TYR A 143 26.71 3.37 2.13
C TYR A 143 27.02 2.94 0.73
N ALA A 144 26.83 1.65 0.49
CA ALA A 144 27.09 1.00 -0.79
C ALA A 144 25.81 0.29 -1.22
N TYR A 145 25.40 0.52 -2.46
CA TYR A 145 24.08 0.10 -2.89
C TYR A 145 24.15 -0.79 -4.11
N ILE A 146 23.45 -1.93 -4.06
CA ILE A 146 23.33 -2.81 -5.22
C ILE A 146 21.90 -3.29 -5.38
N CYS A 147 21.59 -3.73 -6.60
CA CYS A 147 20.36 -4.45 -6.87
C CYS A 147 20.71 -5.91 -7.15
N SER A 148 20.21 -6.81 -6.31
CA SER A 148 20.65 -8.20 -6.26
C SER A 148 20.36 -8.99 -7.55
N ASN A 149 19.19 -8.70 -8.10
CA ASN A 149 18.64 -9.41 -9.23
C ASN A 149 17.98 -8.38 -10.12
N ASN A 150 18.50 -8.24 -11.32
CA ASN A 150 18.02 -7.24 -12.27
C ASN A 150 16.92 -7.81 -13.18
N THR A 151 15.68 -7.49 -12.84
CA THR A 151 14.47 -8.19 -13.30
C THR A 151 14.32 -8.11 -14.81
N ILE A 152 14.82 -7.04 -15.39
CA ILE A 152 14.54 -6.85 -16.79
C ILE A 152 15.55 -7.58 -17.63
N TYR A 153 16.82 -7.39 -17.28
CA TYR A 153 17.96 -7.98 -17.98
C TYR A 153 18.26 -9.44 -17.65
N GLY A 154 17.74 -9.95 -16.53
CA GLY A 154 17.94 -11.36 -16.21
C GLY A 154 19.34 -11.72 -15.70
N THR A 155 19.99 -10.76 -15.03
CA THR A 155 21.28 -10.94 -14.38
C THR A 155 21.10 -10.86 -12.86
N GLN A 156 22.01 -11.49 -12.13
CA GLN A 156 21.88 -11.64 -10.69
C GLN A 156 23.27 -11.84 -10.09
N TYR A 157 23.57 -11.07 -9.04
CA TYR A 157 24.79 -11.30 -8.26
C TYR A 157 24.82 -12.72 -7.73
N GLN A 158 25.99 -13.34 -7.89
CA GLN A 158 26.30 -14.65 -7.31
C GLN A 158 26.78 -14.43 -5.88
N ASN A 159 27.63 -13.44 -5.70
CA ASN A 159 28.12 -13.11 -4.38
C ASN A 159 28.04 -11.62 -4.21
N TYR A 160 27.71 -11.15 -3.01
CA TYR A 160 27.65 -9.70 -2.81
C TYR A 160 29.07 -9.19 -2.54
N PRO A 161 29.33 -7.96 -2.94
CA PRO A 161 30.66 -7.36 -2.76
C PRO A 161 31.01 -7.26 -1.29
N LYS A 162 32.29 -7.43 -0.97
CA LYS A 162 32.73 -7.35 0.43
C LYS A 162 33.31 -5.94 0.66
N THR A 163 32.89 -5.32 1.76
CA THR A 163 33.30 -3.95 2.02
C THR A 163 33.03 -3.61 3.48
N LYS A 164 33.83 -2.69 4.03
CA LYS A 164 33.57 -2.15 5.36
C LYS A 164 32.34 -1.24 5.33
N THR A 165 32.06 -0.71 4.15
CA THR A 165 30.94 0.22 3.97
C THR A 165 29.64 -0.54 4.07
N PRO A 166 28.68 -0.01 4.86
CA PRO A 166 27.31 -0.53 4.99
C PRO A 166 26.69 -0.88 3.60
N LEU A 167 26.37 -2.15 3.40
CA LEU A 167 25.81 -2.60 2.14
C LEU A 167 24.27 -2.52 2.15
N ILE A 168 23.71 -1.95 1.10
CA ILE A 168 22.28 -1.85 0.92
C ILE A 168 21.89 -2.69 -0.29
N VAL A 169 20.93 -3.62 -0.15
CA VAL A 169 20.56 -4.53 -1.25
C VAL A 169 19.06 -4.46 -1.61
N ASP A 170 18.77 -4.10 -2.84
CA ASP A 170 17.44 -4.22 -3.36
C ASP A 170 17.34 -5.67 -3.83
N ALA A 171 16.62 -6.47 -3.05
CA ALA A 171 16.41 -7.88 -3.37
C ALA A 171 14.98 -8.19 -3.80
N SER A 172 14.24 -7.18 -4.27
CA SER A 172 12.87 -7.41 -4.72
C SER A 172 12.64 -8.72 -5.48
N SER A 173 13.36 -8.92 -6.56
CA SER A 173 13.02 -10.04 -7.42
C SER A 173 13.76 -11.34 -7.10
N ASP A 174 14.61 -11.35 -6.08
CA ASP A 174 15.06 -12.67 -5.57
C ASP A 174 14.81 -12.85 -4.06
N PHE A 175 13.88 -12.05 -3.55
CA PHE A 175 13.51 -12.04 -2.11
C PHE A 175 13.12 -13.42 -1.67
N PHE A 176 13.68 -13.89 -0.53
CA PHE A 176 13.31 -15.20 -0.01
C PHE A 176 13.53 -16.32 -1.05
N SER A 177 14.51 -16.15 -1.92
CA SER A 177 14.81 -17.22 -2.89
C SER A 177 16.03 -18.10 -2.49
N ARG A 178 16.83 -17.62 -1.52
CA ARG A 178 18.07 -18.32 -1.17
C ARG A 178 18.71 -17.70 0.09
N LYS A 179 19.57 -18.47 0.76
CA LYS A 179 20.26 -17.97 1.94
C LYS A 179 21.21 -16.87 1.52
N VAL A 180 21.45 -15.92 2.42
CA VAL A 180 22.24 -14.76 2.05
C VAL A 180 23.20 -14.47 3.16
N ASP A 181 24.40 -14.03 2.81
CA ASP A 181 25.38 -13.64 3.84
C ASP A 181 25.22 -12.16 4.26
N PHE A 182 24.61 -11.95 5.42
CA PHE A 182 24.38 -10.62 6.00
C PHE A 182 25.54 -9.92 6.73
N SER A 183 26.71 -10.57 6.78
CA SER A 183 27.90 -10.03 7.46
C SER A 183 28.08 -8.53 7.36
N ASN A 184 28.02 -7.99 6.14
CA ASN A 184 28.23 -6.56 5.90
C ASN A 184 26.94 -5.86 5.49
N ILE A 185 25.81 -6.56 5.56
CA ILE A 185 24.56 -5.99 5.05
C ILE A 185 23.84 -5.11 6.09
N ALA A 186 23.62 -3.85 5.72
CA ALA A 186 22.99 -2.89 6.64
C ALA A 186 21.48 -2.73 6.41
N LEU A 187 21.05 -3.05 5.21
CA LEU A 187 19.65 -2.96 4.81
C LEU A 187 19.42 -3.85 3.60
N PHE A 188 18.44 -4.72 3.72
CA PHE A 188 18.10 -5.71 2.71
C PHE A 188 16.60 -5.63 2.55
N TYR A 189 16.15 -5.34 1.33
CA TYR A 189 14.73 -5.12 1.12
C TYR A 189 14.15 -5.63 -0.18
N GLY A 190 12.84 -5.78 -0.19
CA GLY A 190 12.14 -6.15 -1.39
C GLY A 190 10.69 -5.72 -1.43
N GLY A 191 10.28 -5.27 -2.62
CA GLY A 191 8.89 -5.24 -2.99
C GLY A 191 8.44 -6.68 -2.84
N VAL A 192 7.31 -6.86 -2.20
CA VAL A 192 6.88 -8.17 -1.78
C VAL A 192 6.33 -8.99 -2.96
N GLN A 193 5.91 -8.29 -3.99
CA GLN A 193 5.09 -8.85 -5.05
C GLN A 193 5.79 -9.72 -6.10
N LYS A 194 7.05 -10.06 -5.91
CA LYS A 194 7.71 -10.97 -6.83
C LYS A 194 7.76 -12.33 -6.21
N ASN A 195 8.26 -12.37 -4.99
CA ASN A 195 8.60 -13.63 -4.40
C ASN A 195 8.11 -13.72 -2.98
N ALA A 196 7.30 -12.76 -2.57
CA ALA A 196 6.83 -12.70 -1.19
C ALA A 196 5.43 -12.10 -1.01
N GLY A 197 4.53 -12.32 -1.95
CA GLY A 197 3.17 -11.93 -1.70
C GLY A 197 2.54 -11.03 -2.73
N ILE A 198 1.96 -9.92 -2.27
CA ILE A 198 1.16 -9.11 -3.17
C ILE A 198 1.63 -7.67 -3.12
N SER A 199 1.25 -6.89 -4.11
CA SER A 199 1.81 -5.54 -4.19
C SER A 199 1.25 -4.61 -3.13
N GLY A 200 1.99 -3.54 -2.86
CA GLY A 200 1.54 -2.54 -1.90
C GLY A 200 2.24 -2.69 -0.55
N LEU A 201 3.02 -3.75 -0.43
CA LEU A 201 3.79 -4.03 0.76
C LEU A 201 5.26 -4.23 0.39
N SER A 202 6.15 -3.60 1.15
CA SER A 202 7.56 -3.84 1.03
C SER A 202 8.08 -4.38 2.36
N CYS A 203 9.06 -5.28 2.31
CA CYS A 203 9.61 -5.79 3.54
C CYS A 203 11.03 -5.31 3.62
N ILE A 204 11.36 -4.63 4.72
CA ILE A 204 12.70 -4.07 4.92
C ILE A 204 13.38 -4.69 6.15
N PHE A 205 14.51 -5.35 5.95
CA PHE A 205 15.38 -5.74 7.07
C PHE A 205 16.39 -4.62 7.31
N ILE A 206 16.34 -3.96 8.47
CA ILE A 206 17.25 -2.84 8.69
C ILE A 206 18.08 -3.06 9.96
N ARG A 207 19.39 -2.81 9.88
CA ARG A 207 20.31 -3.07 10.97
C ARG A 207 20.27 -1.90 11.96
N LYS A 208 20.54 -2.17 13.23
CA LYS A 208 20.26 -1.17 14.27
C LYS A 208 21.08 0.10 14.12
N ASP A 209 22.28 -0.01 13.57
CA ASP A 209 23.14 1.17 13.39
C ASP A 209 22.56 2.14 12.35
N LEU A 211 19.19 2.55 11.90
CA LEU A 211 18.16 3.25 12.68
C LEU A 211 18.73 4.43 13.48
N GLU A 212 19.89 4.25 14.10
CA GLU A 212 20.60 5.37 14.74
C GLU A 212 20.75 6.56 13.77
N ARG A 213 20.94 6.26 12.49
CA ARG A 213 21.08 7.35 11.53
C ARG A 213 19.74 8.09 11.30
N SER A 214 18.64 7.35 11.40
CA SER A 214 17.33 7.94 11.13
C SER A 214 17.03 8.91 12.25
N LYS A 215 17.39 8.50 13.47
CA LYS A 215 17.18 9.25 14.69
C LYS A 215 17.70 10.68 14.59
N ASN A 216 18.83 10.88 13.92
CA ASN A 216 19.43 12.21 13.88
C ASN A 216 18.95 13.05 12.69
N LYS A 217 18.03 12.48 11.92
CA LYS A 217 17.45 13.13 10.74
C LYS A 217 16.12 13.78 11.08
N GLN A 218 15.85 14.93 10.48
CA GLN A 218 14.55 15.57 10.68
C GLN A 218 13.71 15.52 9.41
N ILE A 219 13.06 14.38 9.18
CA ILE A 219 12.23 14.13 8.00
C ILE A 219 10.84 13.70 8.43
N PRO A 220 9.85 13.81 7.53
CA PRO A 220 8.48 13.38 7.81
C PRO A 220 8.44 11.98 8.43
N SER A 221 7.64 11.80 9.47
CA SER A 221 7.44 10.49 10.08
C SER A 221 7.27 9.34 9.13
N LEU A 223 8.25 8.83 6.39
CA LEU A 223 9.44 8.56 5.58
C LEU A 223 10.64 8.15 6.43
N ASN A 224 10.44 8.14 7.75
CA ASN A 224 11.49 7.87 8.74
C ASN A 224 11.52 6.41 9.23
N TYR A 225 12.59 5.67 8.89
CA TYR A 225 12.74 4.29 9.33
C TYR A 225 12.56 4.15 10.87
N LEU A 226 13.27 4.97 11.63
CA LEU A 226 13.22 4.89 13.10
C LEU A 226 11.81 4.98 13.63
N THR A 227 11.02 5.88 13.02
CA THR A 227 9.60 6.04 13.36
C THR A 227 8.82 4.73 13.18
N HIS A 228 9.05 4.03 12.09
CA HIS A 228 8.38 2.74 11.87
C HIS A 228 8.94 1.65 12.82
N ALA A 229 10.24 1.70 13.08
CA ALA A 229 10.85 0.75 14.03
C ALA A 229 10.18 0.84 15.38
N GLU A 230 10.19 2.04 15.95
CA GLU A 230 9.70 2.27 17.32
C GLU A 230 8.23 1.95 17.44
N ASN A 231 7.54 2.04 16.33
CA ASN A 231 6.11 1.76 16.36
C ASN A 231 5.81 0.38 15.79
N GLN A 232 6.87 -0.40 15.56
CA GLN A 232 6.77 -1.76 15.00
C GLN A 232 5.91 -1.79 13.74
N SER A 233 6.18 -0.89 12.78
CA SER A 233 5.43 -0.87 11.51
C SER A 233 3.88 -0.73 11.67
N LEU A 234 3.46 -0.07 12.76
CA LEU A 234 2.07 0.33 12.96
C LEU A 234 1.99 1.82 13.35
N PHE A 235 2.83 2.65 12.75
CA PHE A 235 2.74 4.11 12.96
C PHE A 235 1.39 4.64 12.44
N ASN A 236 1.03 4.24 11.23
CA ASN A 236 -0.30 4.46 10.73
C ASN A 236 -0.86 3.07 10.33
N THR A 237 -1.98 3.04 9.61
CA THR A 237 -2.56 1.76 9.19
C THR A 237 -1.60 1.06 8.23
N PRO A 238 -1.19 -0.21 8.52
CA PRO A 238 -0.40 -0.96 7.54
C PRO A 238 -1.33 -1.65 6.52
N PRO A 239 -0.75 -2.28 5.49
CA PRO A 239 -1.67 -2.93 4.54
C PRO A 239 -2.01 -4.29 5.12
N THR A 240 -3.05 -4.31 5.94
CA THR A 240 -3.33 -5.47 6.77
C THR A 240 -3.43 -6.74 5.94
N PHE A 241 -4.20 -6.69 4.86
CA PHE A 241 -4.38 -7.87 4.03
C PHE A 241 -3.05 -8.40 3.46
N ALA A 242 -2.28 -7.50 2.86
CA ALA A 242 -0.94 -7.77 2.36
C ALA A 242 -0.03 -8.47 3.39
N ILE A 243 -0.06 -7.97 4.62
CA ILE A 243 0.71 -8.56 5.69
C ILE A 243 0.17 -9.94 6.03
N TYR A 244 -1.14 -10.09 5.96
CA TYR A 244 -1.75 -11.38 6.20
C TYR A 244 -1.31 -12.41 5.14
N PHE A 246 1.58 -12.15 3.26
CA PHE A 246 3.00 -12.34 3.52
C PHE A 246 3.19 -13.41 4.57
N ASN A 247 2.36 -13.33 5.59
CA ASN A 247 2.46 -14.28 6.68
C ASN A 247 2.13 -15.71 6.21
N LEU A 248 1.11 -15.88 5.39
CA LEU A 248 0.83 -17.19 4.78
C LEU A 248 1.99 -17.64 3.92
N GLU A 249 2.66 -16.69 3.28
CA GLU A 249 3.80 -16.99 2.43
C GLU A 249 4.98 -17.49 3.25
N ASP A 251 4.80 -18.99 6.16
CA ASP A 251 4.46 -20.37 6.57
C ASP A 251 4.75 -21.32 5.42
N TRP A 252 4.35 -20.91 4.23
CA TRP A 252 4.54 -21.75 3.04
C TRP A 252 6.02 -21.99 2.74
N LEU A 253 6.85 -20.97 2.96
CA LEU A 253 8.30 -21.12 2.81
C LEU A 253 8.88 -22.04 3.90
N LEU A 254 8.43 -21.87 5.13
CA LEU A 254 8.79 -22.75 6.21
C LEU A 254 8.39 -24.19 5.89
N ASN A 255 7.14 -24.42 5.48
CA ASN A 255 6.67 -25.80 5.32
C ASN A 255 7.40 -26.52 4.20
N GLN A 256 8.19 -25.78 3.45
CA GLN A 256 8.89 -26.33 2.32
C GLN A 256 10.30 -26.78 2.64
N GLY A 257 10.78 -26.43 3.83
CA GLY A 257 12.13 -26.79 4.22
C GLY A 257 13.06 -25.59 4.38
N GLY A 258 12.55 -24.38 4.17
CA GLY A 258 13.39 -23.20 4.27
C GLY A 258 14.10 -22.83 2.98
N LEU A 259 14.92 -21.78 3.05
CA LEU A 259 15.55 -21.18 1.87
C LEU A 259 16.50 -22.05 1.06
N ASP A 260 17.25 -22.95 1.70
CA ASP A 260 18.10 -23.91 0.98
C ASP A 260 17.29 -24.87 0.10
N LYS A 261 16.18 -25.36 0.62
CA LYS A 261 15.30 -26.19 -0.18
C LYS A 261 14.73 -25.40 -1.37
N VAL A 262 14.30 -24.17 -1.11
CA VAL A 262 13.70 -23.33 -2.14
C VAL A 262 14.73 -23.08 -3.23
N HIS A 263 15.95 -22.78 -2.80
CA HIS A 263 17.06 -22.54 -3.68
C HIS A 263 17.42 -23.76 -4.53
N GLU A 264 17.30 -24.97 -3.98
CA GLU A 264 17.58 -26.16 -4.77
C GLU A 264 16.54 -26.36 -5.88
N LYS A 265 15.27 -26.09 -5.56
CA LYS A 265 14.23 -26.22 -6.54
C LYS A 265 14.40 -25.16 -7.62
N ASN A 266 14.81 -23.98 -7.20
CA ASN A 266 14.95 -22.88 -8.15
C ASN A 266 16.09 -23.18 -9.14
N SER A 267 17.23 -23.66 -8.63
CA SER A 267 18.33 -24.08 -9.47
C SER A 267 17.94 -25.16 -10.44
N GLN A 268 17.11 -26.09 -10.01
CA GLN A 268 16.67 -27.15 -10.93
C GLN A 268 15.85 -26.56 -12.12
N LYS A 269 14.96 -25.61 -11.79
CA LYS A 269 14.08 -25.01 -12.74
C LYS A 269 14.89 -24.18 -13.73
N ALA A 270 15.80 -23.36 -13.20
CA ALA A 270 16.64 -22.51 -14.05
C ALA A 270 17.57 -23.34 -14.95
N THR A 271 18.25 -24.30 -14.37
CA THR A 271 19.12 -25.17 -15.15
C THR A 271 18.39 -25.77 -16.36
N LEU A 273 15.64 -24.67 -17.80
CA LEU A 273 15.29 -23.67 -18.81
C LEU A 273 16.52 -23.17 -19.59
N TYR A 274 17.60 -22.86 -18.89
CA TYR A 274 18.81 -22.42 -19.59
C TYR A 274 19.35 -23.51 -20.52
N GLU A 275 19.23 -24.79 -20.13
CA GLU A 275 19.61 -25.89 -21.01
C GLU A 275 18.75 -25.90 -22.28
N CYS A 276 17.46 -25.58 -22.12
CA CYS A 276 16.60 -25.52 -23.27
C CYS A 276 17.11 -24.48 -24.29
N ILE A 277 17.61 -23.35 -23.78
CA ILE A 277 18.19 -22.29 -24.61
C ILE A 277 19.53 -22.71 -25.29
N ASP A 278 20.43 -23.25 -24.49
CA ASP A 278 21.77 -23.58 -24.92
C ASP A 278 21.77 -24.77 -25.88
N LEU A 279 20.77 -25.62 -25.79
CA LEU A 279 20.76 -26.82 -26.64
C LEU A 279 19.89 -26.64 -27.88
N SER A 280 19.44 -25.40 -28.09
CA SER A 280 18.55 -25.05 -29.19
C SER A 280 19.26 -24.78 -30.52
N ASN A 281 20.53 -25.18 -30.64
CA ASN A 281 21.29 -24.96 -31.90
C ASN A 281 21.17 -23.47 -32.31
N GLY A 282 21.28 -22.58 -31.30
CA GLY A 282 21.28 -21.14 -31.52
C GLY A 282 19.94 -20.48 -31.87
N PHE A 283 18.85 -21.25 -31.86
CA PHE A 283 17.55 -20.67 -32.21
C PHE A 283 17.04 -19.71 -31.11
N TYR A 284 17.24 -20.10 -29.86
CA TYR A 284 17.05 -19.19 -28.72
C TYR A 284 18.40 -18.68 -28.22
N LYS A 285 18.43 -17.42 -27.78
CA LYS A 285 19.64 -16.89 -27.22
C LYS A 285 19.36 -16.01 -26.02
N GLY A 286 20.10 -16.22 -24.93
CA GLY A 286 19.85 -15.45 -23.74
C GLY A 286 20.53 -14.10 -23.77
N HIS A 287 19.90 -13.10 -23.15
CA HIS A 287 20.52 -11.80 -23.01
C HIS A 287 21.77 -11.82 -22.09
N ALA A 288 21.69 -12.59 -21.02
CA ALA A 288 22.72 -12.52 -19.99
C ALA A 288 23.97 -13.34 -20.27
N ASP A 289 25.12 -12.74 -20.01
CA ASP A 289 26.34 -13.49 -19.75
C ASP A 289 26.03 -14.70 -18.88
N LYS A 290 26.59 -15.85 -19.23
CA LYS A 290 26.25 -17.08 -18.52
C LYS A 290 26.62 -17.05 -17.03
N LYS A 291 27.73 -16.41 -16.71
CA LYS A 291 28.18 -16.35 -15.32
C LYS A 291 27.17 -15.61 -14.45
N ASP A 292 26.36 -14.74 -15.06
CA ASP A 292 25.46 -13.87 -14.29
C ASP A 292 23.96 -14.19 -14.44
N ARG A 293 23.67 -15.33 -15.06
CA ARG A 293 22.29 -15.75 -15.30
C ARG A 293 21.47 -15.78 -14.02
N SER A 294 20.38 -15.00 -14.04
CA SER A 294 19.45 -14.96 -12.91
C SER A 294 18.73 -16.30 -12.81
N LEU A 295 18.45 -16.73 -11.58
CA LEU A 295 17.59 -17.90 -11.33
C LEU A 295 16.12 -17.56 -11.36
N ASN A 297 14.61 -14.56 -13.28
CA ASN A 297 14.07 -13.99 -14.51
C ASN A 297 14.96 -14.38 -15.69
N VAL A 298 14.38 -15.12 -16.64
CA VAL A 298 15.14 -15.58 -17.82
C VAL A 298 14.71 -14.80 -19.04
N SER A 299 15.57 -13.87 -19.45
CA SER A 299 15.37 -13.05 -20.61
C SER A 299 16.11 -13.63 -21.82
N PHE A 300 15.38 -13.93 -22.89
CA PHE A 300 16.00 -14.45 -24.11
C PHE A 300 15.27 -13.95 -25.37
N ASN A 301 15.89 -14.19 -26.53
CA ASN A 301 15.36 -13.80 -27.84
C ASN A 301 15.38 -14.98 -28.78
N ILE A 302 14.56 -14.90 -29.84
CA ILE A 302 14.64 -15.85 -30.92
C ILE A 302 15.66 -15.20 -31.88
N ALA A 303 16.89 -15.68 -31.85
CA ALA A 303 18.03 -14.92 -32.39
C ALA A 303 17.90 -14.56 -33.88
N LYS A 304 17.50 -15.53 -34.69
CA LYS A 304 17.43 -15.37 -36.14
C LYS A 304 16.34 -14.38 -36.55
N ASN A 305 15.20 -14.46 -35.88
CA ASN A 305 14.00 -13.84 -36.38
C ASN A 305 13.15 -13.24 -35.25
N LYS A 306 13.33 -11.94 -35.02
CA LYS A 306 12.59 -11.28 -33.96
C LYS A 306 11.07 -11.31 -34.23
N ASP A 307 10.67 -11.30 -35.49
CA ASP A 307 9.24 -11.32 -35.78
C ASP A 307 8.57 -12.59 -35.25
N LEU A 308 9.34 -13.65 -35.03
CA LEU A 308 8.78 -14.82 -34.34
C LEU A 308 8.41 -14.58 -32.83
N GLU A 309 8.92 -13.52 -32.22
CA GLU A 309 8.67 -13.34 -30.80
C GLU A 309 7.20 -13.08 -30.43
N PRO A 310 6.51 -12.15 -31.14
CA PRO A 310 5.10 -11.96 -30.78
C PRO A 310 4.31 -13.23 -31.10
N LEU A 311 4.79 -14.02 -32.05
N LEU A 311 4.78 -14.02 -32.06
CA LEU A 311 4.15 -15.28 -32.40
CA LEU A 311 4.11 -15.28 -32.38
C LEU A 311 4.33 -16.35 -31.30
C LEU A 311 4.33 -16.34 -31.29
N PHE A 312 5.56 -16.43 -30.78
CA PHE A 312 5.86 -17.26 -29.64
C PHE A 312 4.91 -16.91 -28.45
N VAL A 313 4.81 -15.63 -28.13
CA VAL A 313 3.95 -15.19 -27.02
C VAL A 313 2.48 -15.56 -27.19
N LYS A 314 1.95 -15.37 -28.39
CA LYS A 314 0.56 -15.68 -28.67
C LYS A 314 0.30 -17.20 -28.60
N GLU A 315 1.17 -18.00 -29.20
CA GLU A 315 1.00 -19.46 -29.13
C GLU A 315 1.16 -20.01 -27.73
N ALA A 316 2.10 -19.46 -26.96
CA ALA A 316 2.22 -19.75 -25.53
C ALA A 316 0.90 -19.49 -24.80
N GLU A 317 0.31 -18.35 -25.09
CA GLU A 317 -0.96 -17.97 -24.47
C GLU A 317 -2.05 -18.97 -24.85
N GLU A 318 -2.10 -19.32 -26.12
CA GLU A 318 -3.15 -20.21 -26.59
C GLU A 318 -2.97 -21.55 -25.93
N ALA A 319 -1.74 -21.83 -25.52
CA ALA A 319 -1.46 -23.06 -24.83
C ALA A 319 -1.45 -22.89 -23.28
N GLY A 320 -2.08 -21.82 -22.77
CA GLY A 320 -2.26 -21.64 -21.34
C GLY A 320 -1.06 -21.14 -20.54
N ILE A 322 1.09 -17.68 -19.76
CA ILE A 322 1.00 -16.22 -19.92
C ILE A 322 2.16 -15.48 -19.27
N GLY A 323 2.32 -14.21 -19.61
CA GLY A 323 3.27 -13.37 -18.92
C GLY A 323 4.66 -13.40 -19.48
N LEU A 324 4.80 -13.95 -20.69
CA LEU A 324 6.11 -14.27 -21.29
C LEU A 324 6.76 -13.15 -22.11
N LYS A 325 5.98 -12.13 -22.48
CA LYS A 325 6.55 -11.03 -23.26
C LYS A 325 7.68 -10.35 -22.50
N GLY A 326 8.80 -10.15 -23.20
CA GLY A 326 9.94 -9.46 -22.62
C GLY A 326 9.58 -8.00 -22.31
N HIS A 327 10.28 -7.42 -21.35
CA HIS A 327 10.06 -6.00 -21.09
C HIS A 327 10.36 -5.16 -22.32
N ARG A 328 9.57 -4.10 -22.49
CA ARG A 328 9.69 -3.17 -23.61
C ARG A 328 11.14 -2.72 -23.84
N ILE A 329 11.81 -2.33 -22.78
CA ILE A 329 13.15 -1.81 -22.90
C ILE A 329 14.10 -2.82 -23.55
N LEU A 330 13.73 -4.08 -23.55
CA LEU A 330 14.63 -5.12 -24.06
C LEU A 330 14.04 -5.99 -25.17
N GLY A 331 12.73 -6.16 -25.20
CA GLY A 331 12.10 -7.01 -26.19
C GLY A 331 12.20 -8.50 -25.93
N GLY A 332 11.95 -9.28 -26.98
CA GLY A 332 12.09 -10.73 -26.91
C GLY A 332 11.20 -11.42 -25.86
N ILE A 333 11.76 -12.41 -25.17
CA ILE A 333 10.99 -13.20 -24.22
C ILE A 333 11.55 -13.11 -22.79
N ARG A 334 10.67 -13.20 -21.79
CA ARG A 334 11.11 -13.21 -20.39
C ARG A 334 10.29 -14.22 -19.57
N ALA A 335 10.90 -15.31 -19.14
CA ALA A 335 10.18 -16.25 -18.31
C ALA A 335 10.59 -16.01 -16.86
N SER A 336 9.65 -15.54 -16.05
CA SER A 336 9.90 -15.35 -14.64
C SER A 336 9.48 -16.65 -13.93
N ILE A 337 10.41 -17.22 -13.18
CA ILE A 337 10.21 -18.54 -12.60
C ILE A 337 10.52 -18.44 -11.14
N TYR A 338 9.74 -17.57 -10.52
CA TYR A 338 9.75 -17.35 -9.07
C TYR A 338 9.37 -18.63 -8.27
N ASN A 339 9.42 -18.50 -6.93
CA ASN A 339 9.25 -19.63 -6.00
C ASN A 339 8.02 -20.43 -6.29
N ALA A 340 6.93 -19.74 -6.57
CA ALA A 340 5.63 -20.38 -6.74
C ALA A 340 5.51 -21.17 -8.07
N LEU A 341 6.44 -20.95 -9.00
CA LEU A 341 6.44 -21.76 -10.22
C LEU A 341 7.22 -23.05 -9.96
N ASN A 342 6.67 -24.16 -10.44
CA ASN A 342 7.34 -25.42 -10.15
C ASN A 342 7.99 -25.99 -11.38
N LEU A 343 8.82 -27.01 -11.14
CA LEU A 343 9.65 -27.63 -12.16
C LEU A 343 8.81 -28.17 -13.33
N ASP A 344 7.67 -28.75 -12.99
CA ASP A 344 6.78 -29.26 -14.02
C ASP A 344 6.17 -28.17 -14.93
N GLN A 345 5.93 -26.98 -14.38
CA GLN A 345 5.42 -25.89 -15.23
C GLN A 345 6.51 -25.39 -16.21
N VAL A 346 7.76 -25.40 -15.74
CA VAL A 346 8.90 -24.99 -16.54
C VAL A 346 9.15 -26.05 -17.61
N LYS A 347 8.83 -27.28 -17.30
CA LYS A 347 8.99 -28.33 -18.28
C LYS A 347 7.93 -28.12 -19.37
N THR A 348 6.71 -27.75 -18.98
CA THR A 348 5.70 -27.41 -20.00
C THR A 348 6.20 -26.30 -20.95
N LEU A 349 6.84 -25.25 -20.42
CA LEU A 349 7.41 -24.19 -21.26
C LEU A 349 8.52 -24.73 -22.19
N CYS A 350 9.39 -25.59 -21.63
CA CYS A 350 10.47 -26.19 -22.39
C CYS A 350 9.95 -27.05 -23.55
N GLU A 351 8.97 -27.91 -23.29
CA GLU A 351 8.34 -28.67 -24.37
C GLU A 351 7.72 -27.74 -25.42
N PHE A 352 7.11 -26.63 -24.96
CA PHE A 352 6.53 -25.69 -25.90
C PHE A 352 7.63 -25.02 -26.73
N LYS A 354 10.55 -26.26 -27.61
CA LYS A 354 11.03 -27.26 -28.59
C LYS A 354 10.05 -27.39 -29.74
N GLU A 355 8.75 -27.35 -29.42
CA GLU A 355 7.70 -27.55 -30.42
C GLU A 355 7.63 -26.36 -31.37
N PHE A 356 7.80 -25.17 -30.81
CA PHE A 356 7.70 -23.92 -31.55
C PHE A 356 8.87 -23.86 -32.51
N GLN A 357 10.05 -24.22 -32.02
CA GLN A 357 11.25 -24.28 -32.88
C GLN A 357 11.09 -25.33 -33.97
N GLY A 358 10.57 -26.51 -33.63
CA GLY A 358 10.39 -27.55 -34.63
C GLY A 358 9.47 -27.01 -35.72
N LYS A 359 8.59 -26.10 -35.34
CA LYS A 359 7.60 -25.58 -36.29
C LYS A 359 8.20 -24.44 -37.10
N TYR A 360 8.93 -23.54 -36.46
CA TYR A 360 9.34 -22.31 -37.17
C TYR A 360 10.80 -22.16 -37.59
N ALA A 361 11.69 -23.11 -37.26
CA ALA A 361 13.12 -22.99 -37.57
C ALA A 361 13.43 -23.10 -39.08
N ARG B 5 -21.62 -13.72 10.71
CA ARG B 5 -21.02 -12.40 10.56
C ARG B 5 -21.35 -11.41 11.69
N LYS B 6 -20.33 -10.81 12.28
CA LYS B 6 -20.54 -9.85 13.36
C LYS B 6 -20.96 -8.53 12.77
N ILE B 7 -21.68 -7.74 13.56
CA ILE B 7 -21.97 -6.36 13.23
C ILE B 7 -20.72 -5.63 13.66
N ASN B 8 -20.10 -4.95 12.72
CA ASN B 8 -18.74 -4.52 12.91
C ASN B 8 -18.66 -3.00 12.85
N PHE B 9 -18.45 -2.37 14.00
CA PHE B 9 -18.43 -0.91 14.06
C PHE B 9 -17.03 -0.33 14.05
N SER B 10 -16.03 -1.11 13.63
CA SER B 10 -14.65 -0.60 13.64
C SER B 10 -14.52 0.71 12.87
N ALA B 11 -13.61 1.54 13.35
CA ALA B 11 -13.39 2.87 12.82
C ALA B 11 -12.42 2.88 11.64
N GLY B 12 -11.81 1.73 11.31
CA GLY B 12 -10.85 1.64 10.21
C GLY B 12 -9.59 0.81 10.49
N PRO B 13 -9.31 -0.20 9.63
CA PRO B 13 -10.20 -0.63 8.54
C PRO B 13 -11.61 -0.97 9.02
N SER B 14 -12.56 -0.89 8.10
CA SER B 14 -13.95 -0.95 8.46
C SER B 14 -14.65 -2.08 7.72
N THR B 15 -15.91 -2.29 8.06
CA THR B 15 -16.68 -3.37 7.49
C THR B 15 -16.97 -3.07 6.01
N LEU B 16 -17.05 -4.12 5.19
CA LEU B 16 -17.29 -3.95 3.75
C LEU B 16 -18.63 -4.52 3.37
N PRO B 17 -19.23 -3.96 2.33
CA PRO B 17 -20.46 -4.52 1.80
C PRO B 17 -20.23 -5.99 1.50
N LEU B 18 -21.02 -6.84 2.14
CA LEU B 18 -20.83 -8.28 2.00
C LEU B 18 -20.90 -8.72 0.54
N GLU B 19 -21.56 -7.96 -0.30
CA GLU B 19 -21.69 -8.38 -1.70
C GLU B 19 -20.37 -8.16 -2.48
N ILE B 20 -19.63 -7.14 -2.12
CA ILE B 20 -18.30 -6.95 -2.66
C ILE B 20 -17.37 -8.11 -2.21
N LEU B 21 -17.37 -8.43 -0.92
CA LEU B 21 -16.58 -9.55 -0.40
C LEU B 21 -16.91 -10.89 -1.06
N GLU B 22 -18.19 -11.12 -1.29
CA GLU B 22 -18.64 -12.35 -1.93
C GLU B 22 -18.17 -12.39 -3.37
N GLN B 23 -18.16 -11.24 -4.04
CA GLN B 23 -17.66 -11.23 -5.41
C GLN B 23 -16.16 -11.54 -5.44
N ALA B 24 -15.43 -10.84 -4.58
CA ALA B 24 -13.99 -10.98 -4.49
C ALA B 24 -13.60 -12.42 -4.15
N GLN B 25 -14.25 -12.98 -3.14
CA GLN B 25 -14.08 -14.39 -2.79
C GLN B 25 -14.27 -15.29 -4.01
N LYS B 26 -15.44 -15.17 -4.63
CA LYS B 26 -15.83 -16.00 -5.78
C LYS B 26 -14.73 -16.07 -6.81
N GLU B 27 -14.14 -14.94 -7.16
CA GLU B 27 -13.22 -14.92 -8.28
C GLU B 27 -11.77 -14.69 -7.86
N LEU B 28 -11.46 -15.01 -6.60
CA LEU B 28 -10.10 -14.81 -6.10
C LEU B 28 -9.02 -15.64 -6.80
N CYS B 29 -9.38 -16.81 -7.30
CA CYS B 29 -8.41 -17.70 -7.95
C CYS B 29 -8.51 -17.60 -9.46
N ASP B 30 -9.58 -16.97 -9.92
CA ASP B 30 -9.95 -17.06 -11.32
C ASP B 30 -10.85 -15.89 -11.68
N TYR B 31 -10.20 -14.75 -11.88
CA TYR B 31 -10.89 -13.51 -12.19
C TYR B 31 -11.62 -13.63 -13.53
N GLN B 32 -12.94 -13.41 -13.50
CA GLN B 32 -13.74 -13.43 -14.73
C GLN B 32 -13.47 -14.67 -15.59
N GLY B 33 -13.16 -15.78 -14.94
CA GLY B 33 -12.86 -17.01 -15.65
C GLY B 33 -11.61 -16.96 -16.53
N ARG B 34 -10.77 -15.94 -16.35
CA ARG B 34 -9.56 -15.81 -17.16
C ARG B 34 -8.34 -16.70 -16.77
N GLY B 35 -8.41 -17.44 -15.66
CA GLY B 35 -7.34 -18.39 -15.32
C GLY B 35 -6.24 -17.86 -14.40
N TYR B 36 -6.53 -16.77 -13.69
CA TYR B 36 -5.62 -16.18 -12.71
C TYR B 36 -6.37 -15.22 -11.81
N SER B 37 -5.74 -14.85 -10.71
CA SER B 37 -6.38 -14.00 -9.73
C SER B 37 -6.18 -12.55 -10.12
N ILE B 38 -7.14 -11.72 -9.78
CA ILE B 38 -6.88 -10.31 -9.91
C ILE B 38 -5.56 -9.90 -9.20
N GLU B 40 -2.84 -11.24 -9.28
CA GLU B 40 -1.70 -11.98 -9.81
C GLU B 40 -1.19 -11.54 -11.18
N ILE B 41 -1.82 -10.52 -11.75
CA ILE B 41 -1.32 -10.04 -13.04
C ILE B 41 -0.81 -8.61 -13.03
N SER B 42 -0.11 -8.28 -14.10
CA SER B 42 0.55 -7.01 -14.28
C SER B 42 -0.42 -5.84 -14.29
N HIS B 43 0.03 -4.72 -13.75
CA HIS B 43 -0.77 -3.51 -13.80
C HIS B 43 -0.85 -2.91 -15.19
N ARG B 44 0.07 -3.29 -16.06
CA ARG B 44 0.05 -2.74 -17.41
C ARG B 44 -0.46 -3.72 -18.46
N THR B 45 -1.53 -4.44 -18.09
CA THR B 45 -2.33 -5.26 -19.00
C THR B 45 -3.63 -4.51 -19.26
N LYS B 46 -4.37 -4.88 -20.29
CA LYS B 46 -5.64 -4.20 -20.57
C LYS B 46 -6.66 -4.60 -19.53
N VAL B 47 -6.42 -5.74 -18.90
CA VAL B 47 -7.37 -6.23 -17.90
C VAL B 47 -7.28 -5.40 -16.59
N PHE B 48 -6.08 -5.18 -16.08
CA PHE B 48 -5.95 -4.30 -14.91
C PHE B 48 -6.29 -2.88 -15.24
N GLU B 49 -5.96 -2.45 -16.45
CA GLU B 49 -6.21 -1.06 -16.81
C GLU B 49 -7.67 -0.73 -16.83
N GLU B 50 -8.50 -1.68 -17.25
CA GLU B 50 -9.94 -1.48 -17.26
C GLU B 50 -10.53 -1.21 -15.86
N VAL B 51 -10.10 -2.01 -14.89
CA VAL B 51 -10.46 -1.80 -13.50
C VAL B 51 -9.90 -0.46 -13.03
N HIS B 52 -8.60 -0.26 -13.27
CA HIS B 52 -7.88 0.93 -12.80
C HIS B 52 -8.50 2.23 -13.31
N PHE B 53 -8.79 2.30 -14.60
CA PHE B 53 -9.27 3.56 -15.17
C PHE B 53 -10.78 3.73 -15.00
N GLY B 54 -11.50 2.60 -14.95
CA GLY B 54 -12.92 2.63 -14.61
C GLY B 54 -13.16 3.23 -13.21
N ALA B 55 -12.33 2.83 -12.25
CA ALA B 55 -12.45 3.33 -10.88
C ALA B 55 -12.24 4.85 -10.84
N GLN B 56 -11.28 5.36 -11.61
CA GLN B 56 -11.07 6.80 -11.70
C GLN B 56 -12.31 7.52 -12.22
N GLU B 57 -12.86 7.03 -13.34
CA GLU B 57 -14.05 7.67 -13.94
C GLU B 57 -15.24 7.68 -13.00
N LYS B 58 -15.56 6.53 -12.39
CA LYS B 58 -16.74 6.44 -11.51
C LYS B 58 -16.63 7.30 -10.26
N ALA B 59 -15.42 7.39 -9.72
CA ALA B 59 -15.15 8.26 -8.57
C ALA B 59 -15.51 9.69 -8.95
N LYS B 60 -15.05 10.09 -10.13
CA LYS B 60 -15.38 11.42 -10.65
C LYS B 60 -16.87 11.53 -10.90
N LYS B 61 -17.51 10.48 -11.43
CA LYS B 61 -18.96 10.55 -11.62
C LYS B 61 -19.72 10.78 -10.30
N LEU B 62 -19.35 10.06 -9.24
CA LEU B 62 -20.10 10.14 -7.98
C LEU B 62 -20.03 11.55 -7.39
N TYR B 63 -18.87 12.19 -7.55
CA TYR B 63 -18.70 13.55 -7.05
C TYR B 63 -19.07 14.62 -8.09
N GLU B 64 -19.54 14.18 -9.25
CA GLU B 64 -19.91 15.11 -10.31
C GLU B 64 -18.75 16.05 -10.60
N LEU B 65 -17.55 15.51 -10.71
CA LEU B 65 -16.37 16.33 -11.01
C LEU B 65 -16.10 16.44 -12.51
N ASN B 66 -15.53 17.55 -12.94
CA ASN B 66 -15.14 17.64 -14.34
C ASN B 66 -13.65 17.41 -14.53
N ASP B 67 -13.17 17.90 -15.65
CA ASP B 67 -11.80 17.64 -16.04
C ASP B 67 -10.82 18.62 -15.39
N ASP B 68 -11.34 19.50 -14.55
CA ASP B 68 -10.46 20.31 -13.70
C ASP B 68 -9.67 19.44 -12.74
N TYR B 69 -10.17 18.23 -12.46
CA TYR B 69 -9.53 17.31 -11.49
C TYR B 69 -8.98 16.03 -12.13
N GLU B 70 -7.82 15.60 -11.63
CA GLU B 70 -7.31 14.24 -11.88
C GLU B 70 -7.61 13.45 -10.62
N VAL B 71 -7.86 12.15 -10.79
CA VAL B 71 -7.96 11.21 -9.69
C VAL B 71 -6.68 10.40 -9.65
N LEU B 72 -5.97 10.47 -8.51
CA LEU B 72 -4.75 9.73 -8.31
C LEU B 72 -4.97 8.59 -7.30
N PHE B 73 -4.35 7.43 -7.56
CA PHE B 73 -4.42 6.31 -6.60
C PHE B 73 -3.01 6.06 -6.06
N LEU B 74 -2.77 6.38 -4.79
CA LEU B 74 -1.44 6.29 -4.18
C LEU B 74 -1.41 5.33 -3.00
N GLN B 75 -0.19 4.95 -2.59
CA GLN B 75 0.04 4.12 -1.42
C GLN B 75 0.45 4.99 -0.20
N GLY B 76 0.33 4.46 1.01
CA GLY B 76 0.83 5.13 2.20
C GLY B 76 -0.23 5.77 3.09
N GLY B 77 -1.49 5.56 2.72
CA GLY B 77 -2.61 6.03 3.54
C GLY B 77 -2.69 7.55 3.51
N ALA B 78 -3.62 8.05 4.31
CA ALA B 78 -3.73 9.48 4.51
C ALA B 78 -2.43 10.06 5.04
N SER B 79 -1.73 9.30 5.89
CA SER B 79 -0.55 9.81 6.60
C SER B 79 0.55 10.31 5.68
N LEU B 80 0.78 9.58 4.60
CA LEU B 80 1.73 10.05 3.58
C LEU B 80 1.27 11.40 2.97
N GLN B 81 -0.04 11.58 2.83
CA GLN B 81 -0.49 12.88 2.34
C GLN B 81 -0.09 14.05 3.25
N PHE B 82 0.08 13.79 4.55
CA PHE B 82 0.44 14.88 5.48
C PHE B 82 1.78 15.48 5.06
N ALA B 83 2.53 14.68 4.33
CA ALA B 83 3.85 15.07 3.89
C ALA B 83 3.79 15.54 2.44
N ILE B 85 1.39 16.69 0.68
CA ILE B 85 0.66 17.92 0.49
C ILE B 85 1.60 19.15 0.55
N PRO B 86 2.30 19.38 1.67
CA PRO B 86 3.15 20.58 1.63
C PRO B 86 4.41 20.43 0.74
N ASN B 88 4.52 19.22 -2.25
CA ASN B 88 4.13 19.59 -3.60
C ASN B 88 3.54 21.00 -3.66
N LEU B 89 2.62 21.28 -2.77
CA LEU B 89 1.66 22.37 -2.97
C LEU B 89 2.08 23.63 -2.21
N ALA B 90 2.96 23.45 -1.22
CA ALA B 90 3.47 24.57 -0.46
C ALA B 90 4.33 25.50 -1.32
N LEU B 91 4.22 26.80 -1.07
CA LEU B 91 5.11 27.77 -1.69
C LEU B 91 5.85 28.60 -0.64
N ASN B 92 6.46 29.69 -1.07
CA ASN B 92 7.14 30.61 -0.17
C ASN B 92 6.16 31.34 0.75
N GLY B 93 4.88 31.04 0.60
CA GLY B 93 3.84 31.72 1.35
C GLY B 93 3.58 31.06 2.69
N VAL B 94 2.44 31.40 3.30
CA VAL B 94 2.00 30.75 4.52
C VAL B 94 0.92 29.71 4.24
N CYS B 95 1.01 28.57 4.91
CA CYS B 95 0.02 27.52 4.76
C CYS B 95 -0.87 27.41 6.00
N GLU B 96 -2.16 27.65 5.79
CA GLU B 96 -3.10 27.80 6.90
C GLU B 96 -3.80 26.47 7.23
N TYR B 97 -3.82 26.13 8.51
CA TYR B 97 -4.46 24.91 9.00
C TYR B 97 -5.51 25.21 10.06
N ALA B 98 -6.61 24.47 9.99
CA ALA B 98 -7.62 24.47 11.03
C ALA B 98 -7.51 23.22 11.89
N ASN B 99 -7.23 23.40 13.19
CA ASN B 99 -6.99 22.28 14.08
C ASN B 99 -8.27 21.74 14.72
N THR B 100 -8.67 20.51 14.36
CA THR B 100 -9.94 19.95 14.86
C THR B 100 -9.86 18.54 15.40
N GLY B 101 -8.65 18.03 15.54
CA GLY B 101 -8.52 16.67 15.97
C GLY B 101 -7.10 16.16 15.91
N VAL B 102 -6.97 14.86 16.15
CA VAL B 102 -5.64 14.28 16.17
C VAL B 102 -5.01 14.31 14.79
N TRP B 103 -5.85 14.17 13.75
CA TRP B 103 -5.32 14.05 12.40
C TRP B 103 -4.86 15.40 11.91
N THR B 104 -5.52 16.47 12.37
CA THR B 104 -5.05 17.80 11.98
C THR B 104 -3.74 18.14 12.74
N LYS B 105 -3.68 17.79 14.02
CA LYS B 105 -2.43 17.98 14.77
C LYS B 105 -1.26 17.24 14.12
N LYS B 106 -1.50 16.03 13.65
CA LYS B 106 -0.47 15.28 12.95
C LYS B 106 -0.07 15.98 11.66
N ALA B 107 -1.05 16.32 10.84
CA ALA B 107 -0.78 17.04 9.60
C ALA B 107 0.01 18.33 9.85
N ILE B 108 -0.38 19.09 10.87
CA ILE B 108 0.34 20.31 11.23
C ILE B 108 1.79 19.99 11.56
N LYS B 109 2.01 18.96 12.36
CA LYS B 109 3.38 18.65 12.77
C LYS B 109 4.24 18.34 11.55
N GLU B 110 3.69 17.55 10.63
CA GLU B 110 4.49 17.10 9.49
C GLU B 110 4.91 18.26 8.58
N ALA B 111 4.02 19.23 8.42
CA ALA B 111 4.37 20.40 7.61
C ALA B 111 5.48 21.22 8.27
N GLN B 112 5.39 21.38 9.59
CA GLN B 112 6.43 22.03 10.36
C GLN B 112 7.78 21.30 10.24
N ILE B 113 7.76 19.96 10.34
CA ILE B 113 8.97 19.16 10.11
C ILE B 113 9.64 19.51 8.78
N LEU B 114 8.82 19.75 7.74
CA LEU B 114 9.35 20.09 6.42
C LEU B 114 9.67 21.59 6.32
N GLY B 115 9.59 22.30 7.43
CA GLY B 115 9.97 23.71 7.47
C GLY B 115 9.04 24.59 6.65
N VAL B 116 7.80 24.15 6.50
CA VAL B 116 6.74 24.94 5.86
C VAL B 116 6.28 26.04 6.84
N ASN B 117 5.97 27.23 6.33
CA ASN B 117 5.43 28.26 7.21
C ASN B 117 3.96 27.97 7.57
N VAL B 118 3.75 27.24 8.67
CA VAL B 118 2.40 26.89 9.11
C VAL B 118 1.73 27.92 10.06
N LYS B 119 0.52 28.34 9.70
CA LYS B 119 -0.29 29.15 10.60
C LYS B 119 -1.52 28.32 10.96
N THR B 120 -1.77 28.17 12.27
CA THR B 120 -2.98 27.50 12.75
C THR B 120 -4.02 28.58 13.01
N VAL B 121 -4.97 28.69 12.10
CA VAL B 121 -5.84 29.86 12.11
C VAL B 121 -7.03 29.72 13.06
N ALA B 122 -7.28 28.49 13.48
CA ALA B 122 -8.41 28.17 14.33
C ALA B 122 -8.12 26.84 14.96
N SER B 123 -8.66 26.64 16.16
CA SER B 123 -8.42 25.43 16.93
C SER B 123 -9.51 25.14 17.96
N SER B 124 -9.79 23.85 18.09
CA SER B 124 -10.82 23.30 18.94
C SER B 124 -10.14 22.61 20.13
N GLU B 125 -8.81 22.60 20.11
CA GLU B 125 -8.03 21.85 21.10
C GLU B 125 -8.34 22.20 22.56
N GLU B 126 -8.61 23.47 22.82
CA GLU B 126 -8.79 23.95 24.20
C GLU B 126 -9.96 23.27 24.89
N SER B 127 -11.00 22.96 24.11
CA SER B 127 -12.18 22.30 24.65
C SER B 127 -12.14 20.84 24.24
N ASN B 128 -10.93 20.32 24.08
CA ASN B 128 -10.71 18.90 23.76
C ASN B 128 -11.41 18.47 22.47
N PHE B 129 -11.37 19.37 21.49
CA PHE B 129 -11.90 19.15 20.13
C PHE B 129 -13.34 18.64 20.17
N ASP B 130 -14.22 19.27 20.95
CA ASP B 130 -15.58 18.79 21.02
C ASP B 130 -16.49 19.56 20.09
N HIS B 131 -15.89 20.39 19.25
CA HIS B 131 -16.68 21.10 18.26
C HIS B 131 -15.76 21.58 17.13
N ILE B 132 -16.34 21.94 16.00
CA ILE B 132 -15.58 22.61 14.94
C ILE B 132 -15.51 24.09 15.28
N PRO B 133 -14.31 24.64 15.50
CA PRO B 133 -14.33 26.08 15.84
C PRO B 133 -14.72 26.93 14.62
N ARG B 134 -14.81 28.24 14.84
CA ARG B 134 -15.11 29.10 13.73
C ARG B 134 -13.84 29.25 12.89
N VAL B 135 -13.95 28.99 11.61
CA VAL B 135 -12.76 28.97 10.78
C VAL B 135 -12.73 30.08 9.73
N GLU B 136 -11.80 31.02 9.93
CA GLU B 136 -11.54 32.11 8.99
C GLU B 136 -10.16 31.97 8.31
N PHE B 137 -10.14 31.53 7.06
CA PHE B 137 -8.90 31.47 6.31
C PHE B 137 -8.68 32.82 5.60
N SER B 138 -7.42 33.25 5.50
CA SER B 138 -7.17 34.45 4.69
C SER B 138 -7.30 34.08 3.22
N ASP B 139 -7.37 35.11 2.38
CA ASP B 139 -7.61 34.92 0.95
C ASP B 139 -6.31 34.83 0.13
N ASN B 140 -5.17 35.04 0.76
CA ASN B 140 -3.89 35.01 0.06
C ASN B 140 -2.87 33.95 0.53
N ALA B 141 -3.31 32.89 1.20
CA ALA B 141 -2.33 31.88 1.62
C ALA B 141 -2.07 30.92 0.50
N ASP B 142 -1.02 30.12 0.66
CA ASP B 142 -0.67 29.08 -0.29
C ASP B 142 -1.73 28.00 -0.37
N TYR B 143 -2.23 27.59 0.78
CA TYR B 143 -3.38 26.71 0.83
C TYR B 143 -4.00 26.77 2.23
N ALA B 144 -5.23 26.32 2.34
CA ALA B 144 -5.91 26.20 3.62
C ALA B 144 -6.29 24.73 3.78
N TYR B 145 -5.96 24.17 4.94
CA TYR B 145 -6.14 22.75 5.17
C TYR B 145 -7.19 22.48 6.26
N ILE B 146 -8.12 21.56 5.96
CA ILE B 146 -9.09 21.09 6.94
C ILE B 146 -9.20 19.57 6.98
N CYS B 147 -9.64 19.05 8.14
CA CYS B 147 -10.06 17.66 8.23
C CYS B 147 -11.57 17.57 8.38
N SER B 148 -12.23 17.04 7.35
CA SER B 148 -13.68 17.08 7.19
C SER B 148 -14.43 16.42 8.34
N ASN B 149 -13.95 15.26 8.74
CA ASN B 149 -14.58 14.46 9.75
C ASN B 149 -13.50 13.97 10.69
N ASN B 150 -13.63 14.35 11.95
CA ASN B 150 -12.60 14.02 12.92
C ASN B 150 -12.93 12.75 13.66
N THR B 151 -12.27 11.68 13.27
CA THR B 151 -12.71 10.31 13.53
C THR B 151 -12.75 9.93 14.98
N ILE B 152 -11.87 10.52 15.77
CA ILE B 152 -11.76 10.15 17.15
C ILE B 152 -12.79 10.89 17.99
N TYR B 153 -12.92 12.20 17.74
CA TYR B 153 -13.83 13.01 18.53
C TYR B 153 -15.28 13.00 18.08
N GLY B 154 -15.57 12.54 16.86
CA GLY B 154 -16.95 12.48 16.41
C GLY B 154 -17.52 13.84 15.98
N THR B 155 -16.68 14.71 15.44
CA THR B 155 -17.13 16.01 14.96
C THR B 155 -16.89 16.05 13.43
N GLN B 156 -17.69 16.86 12.73
CA GLN B 156 -17.74 16.87 11.30
C GLN B 156 -18.15 18.23 10.82
N TYR B 157 -17.42 18.78 9.84
CA TYR B 157 -17.87 20.04 9.23
C TYR B 157 -19.20 19.84 8.51
N GLN B 158 -20.12 20.78 8.73
CA GLN B 158 -21.43 20.79 8.08
C GLN B 158 -21.26 21.49 6.73
N ASN B 159 -20.42 22.52 6.73
CA ASN B 159 -20.11 23.28 5.54
C ASN B 159 -18.64 23.60 5.57
N TYR B 160 -18.00 23.53 4.40
CA TYR B 160 -16.56 23.76 4.33
C TYR B 160 -16.35 25.26 4.32
N PRO B 161 -15.22 25.73 4.86
CA PRO B 161 -15.03 27.18 4.88
C PRO B 161 -14.94 27.77 3.46
N LYS B 162 -15.46 28.97 3.28
CA LYS B 162 -15.38 29.65 1.99
C LYS B 162 -14.18 30.59 2.04
N THR B 163 -13.36 30.53 1.00
CA THR B 163 -12.15 31.31 0.96
C THR B 163 -11.62 31.27 -0.46
N LYS B 164 -10.76 32.23 -0.80
CA LYS B 164 -10.18 32.29 -2.14
C LYS B 164 -8.88 31.50 -2.20
N THR B 165 -8.35 31.20 -1.00
CA THR B 165 -7.17 30.35 -0.87
C THR B 165 -7.55 28.91 -1.22
N PRO B 166 -6.71 28.22 -2.01
CA PRO B 166 -6.91 26.81 -2.35
C PRO B 166 -7.23 25.97 -1.11
N LEU B 167 -8.37 25.29 -1.10
CA LEU B 167 -8.78 24.45 0.03
C LEU B 167 -8.33 22.97 -0.11
N ILE B 168 -7.62 22.47 0.92
CA ILE B 168 -7.23 21.06 1.03
C ILE B 168 -8.08 20.40 2.08
N VAL B 169 -8.68 19.26 1.72
CA VAL B 169 -9.61 18.57 2.61
C VAL B 169 -9.22 17.12 2.87
N ASP B 170 -9.04 16.77 4.13
CA ASP B 170 -8.84 15.36 4.48
C ASP B 170 -10.22 14.78 4.78
N ALA B 171 -10.73 14.03 3.82
CA ALA B 171 -12.05 13.41 3.90
C ALA B 171 -11.99 11.90 4.14
N SER B 172 -10.87 11.42 4.69
CA SER B 172 -10.69 9.99 4.94
C SER B 172 -11.89 9.33 5.57
N SER B 173 -12.36 9.87 6.68
CA SER B 173 -13.45 9.21 7.39
C SER B 173 -14.90 9.58 6.98
N ASP B 174 -15.12 10.52 6.04
CA ASP B 174 -16.45 10.65 5.41
C ASP B 174 -16.43 10.60 3.85
N PHE B 175 -15.41 9.98 3.31
CA PHE B 175 -15.23 9.83 1.86
C PHE B 175 -16.45 9.14 1.21
N PHE B 176 -16.99 9.68 0.11
CA PHE B 176 -18.14 9.07 -0.58
C PHE B 176 -19.30 8.81 0.37
N SER B 177 -19.55 9.78 1.24
CA SER B 177 -20.67 9.69 2.18
C SER B 177 -21.76 10.71 1.84
N ARG B 178 -21.39 11.72 1.07
CA ARG B 178 -22.27 12.84 0.80
C ARG B 178 -21.72 13.67 -0.35
N LYS B 179 -22.58 14.48 -0.94
CA LYS B 179 -22.15 15.40 -1.98
C LYS B 179 -21.39 16.55 -1.34
N VAL B 180 -20.49 17.12 -2.12
CA VAL B 180 -19.56 18.13 -1.65
C VAL B 180 -19.46 19.25 -2.66
N ASP B 181 -19.32 20.48 -2.17
CA ASP B 181 -19.17 21.65 -3.02
C ASP B 181 -17.70 21.94 -3.29
N PHE B 182 -17.25 21.62 -4.49
CA PHE B 182 -15.85 21.72 -4.86
C PHE B 182 -15.42 23.11 -5.35
N SER B 183 -16.26 24.11 -5.11
CA SER B 183 -16.13 25.42 -5.74
C SER B 183 -14.70 25.94 -5.65
N ASN B 184 -14.10 25.78 -4.48
CA ASN B 184 -12.74 26.25 -4.26
C ASN B 184 -11.86 25.19 -3.59
N ILE B 185 -12.26 23.93 -3.76
CA ILE B 185 -11.44 22.81 -3.30
C ILE B 185 -10.33 22.50 -4.29
N ALA B 186 -9.09 22.55 -3.82
CA ALA B 186 -7.93 22.34 -4.70
C ALA B 186 -7.43 20.89 -4.60
N LEU B 187 -7.71 20.25 -3.48
CA LEU B 187 -7.35 18.86 -3.29
C LEU B 187 -8.27 18.21 -2.24
N PHE B 188 -8.82 17.05 -2.60
CA PHE B 188 -9.77 16.35 -1.77
C PHE B 188 -9.34 14.91 -1.69
N TYR B 189 -9.04 14.42 -0.50
CA TYR B 189 -8.48 13.08 -0.44
C TYR B 189 -8.96 12.21 0.72
N GLY B 190 -8.66 10.91 0.60
CA GLY B 190 -8.90 9.98 1.68
C GLY B 190 -8.06 8.72 1.60
N GLY B 191 -7.61 8.26 2.77
CA GLY B 191 -7.38 6.84 3.04
C GLY B 191 -8.68 6.12 2.69
N VAL B 192 -8.57 5.02 1.98
CA VAL B 192 -9.73 4.46 1.31
C VAL B 192 -10.53 3.53 2.26
N GLN B 193 -9.83 2.99 3.28
CA GLN B 193 -10.39 1.95 4.16
C GLN B 193 -11.44 2.40 5.20
N LYS B 194 -11.88 3.65 5.14
CA LYS B 194 -13.06 4.02 5.92
C LYS B 194 -14.34 3.77 5.13
N ASN B 195 -14.56 4.50 4.03
CA ASN B 195 -15.73 4.22 3.17
C ASN B 195 -15.41 3.68 1.79
N ALA B 196 -14.15 3.60 1.41
CA ALA B 196 -13.87 3.23 0.03
C ALA B 196 -13.07 1.95 -0.19
N GLY B 197 -13.27 0.93 0.64
CA GLY B 197 -12.56 -0.30 0.42
C GLY B 197 -11.53 -0.65 1.47
N ILE B 198 -10.31 -0.98 1.01
CA ILE B 198 -9.34 -1.54 1.93
C ILE B 198 -8.10 -0.69 2.14
N SER B 199 -7.33 -1.01 3.18
CA SER B 199 -6.20 -0.18 3.56
C SER B 199 -5.09 -0.34 2.55
N GLY B 200 -4.28 0.70 2.39
CA GLY B 200 -3.12 0.57 1.53
C GLY B 200 -3.31 1.35 0.26
N LEU B 201 -4.49 1.99 0.15
CA LEU B 201 -4.79 2.76 -1.03
C LEU B 201 -5.33 4.09 -0.58
N SER B 202 -4.87 5.16 -1.20
N SER B 202 -4.90 5.16 -1.23
CA SER B 202 -5.48 6.46 -1.00
CA SER B 202 -5.40 6.50 -0.97
C SER B 202 -5.99 6.97 -2.33
C SER B 202 -5.89 7.14 -2.28
N CYS B 203 -7.08 7.72 -2.27
CA CYS B 203 -7.64 8.29 -3.46
C CYS B 203 -7.53 9.80 -3.32
N ILE B 204 -6.77 10.42 -4.24
CA ILE B 204 -6.63 11.88 -4.25
C ILE B 204 -7.30 12.53 -5.46
N PHE B 205 -8.22 13.48 -5.20
CA PHE B 205 -8.74 14.37 -6.24
C PHE B 205 -7.93 15.66 -6.25
N ILE B 206 -7.24 15.93 -7.34
CA ILE B 206 -6.34 17.06 -7.36
C ILE B 206 -6.63 17.94 -8.57
N ARG B 207 -6.90 19.21 -8.30
CA ARG B 207 -7.18 20.19 -9.34
C ARG B 207 -5.92 20.52 -10.13
N LYS B 208 -6.08 20.71 -11.44
CA LYS B 208 -4.94 20.87 -12.37
C LYS B 208 -3.95 21.97 -11.98
N ASP B 209 -4.43 23.06 -11.40
CA ASP B 209 -3.53 24.17 -11.08
C ASP B 209 -2.58 23.76 -9.96
N LEU B 211 -1.24 20.61 -9.72
CA LEU B 211 -0.17 19.88 -10.43
C LEU B 211 0.87 20.82 -11.01
N GLU B 212 0.50 22.06 -11.29
CA GLU B 212 1.46 23.04 -11.83
C GLU B 212 2.53 23.33 -10.79
N ARG B 213 2.09 23.46 -9.56
CA ARG B 213 3.00 23.68 -8.46
C ARG B 213 3.97 22.52 -8.31
N SER B 214 3.51 21.30 -8.56
CA SER B 214 4.37 20.12 -8.40
C SER B 214 5.43 20.18 -9.46
N LYS B 215 5.01 20.65 -10.63
CA LYS B 215 5.89 20.71 -11.80
C LYS B 215 7.19 21.44 -11.52
N ASN B 216 7.15 22.44 -10.64
CA ASN B 216 8.35 23.20 -10.32
C ASN B 216 9.11 22.71 -9.08
N LYS B 217 8.62 21.64 -8.46
CA LYS B 217 9.28 21.06 -7.29
C LYS B 217 10.36 20.04 -7.69
N GLN B 218 11.49 20.09 -7.01
CA GLN B 218 12.54 19.09 -7.18
C GLN B 218 12.44 18.14 -6.02
N ILE B 219 11.63 17.09 -6.17
CA ILE B 219 11.36 16.14 -5.09
C ILE B 219 11.31 14.72 -5.65
N PRO B 220 11.47 13.71 -4.78
CA PRO B 220 11.46 12.32 -5.25
C PRO B 220 10.20 12.00 -6.06
N SER B 221 10.39 11.28 -7.16
CA SER B 221 9.31 10.94 -8.08
C SER B 221 8.10 10.37 -7.40
N LEU B 223 7.10 10.98 -4.53
CA LEU B 223 6.39 11.94 -3.67
C LEU B 223 5.84 13.12 -4.46
N ASN B 224 5.92 13.03 -5.79
CA ASN B 224 5.54 14.14 -6.67
C ASN B 224 4.20 13.87 -7.36
N TYR B 225 3.20 14.69 -7.04
CA TYR B 225 1.85 14.52 -7.60
C TYR B 225 1.84 14.50 -9.13
N LEU B 226 2.61 15.40 -9.73
CA LEU B 226 2.69 15.44 -11.19
C LEU B 226 3.26 14.15 -11.82
N THR B 227 4.28 13.59 -11.19
CA THR B 227 4.79 12.29 -11.60
C THR B 227 3.70 11.25 -11.72
N HIS B 228 2.85 11.18 -10.70
CA HIS B 228 1.73 10.24 -10.69
C HIS B 228 0.62 10.62 -11.68
N ALA B 229 0.30 11.91 -11.77
CA ALA B 229 -0.74 12.33 -12.72
C ALA B 229 -0.27 11.94 -14.12
N GLU B 230 0.99 12.29 -14.43
CA GLU B 230 1.61 12.05 -15.74
C GLU B 230 1.64 10.56 -16.14
N ASN B 231 1.79 9.70 -15.15
CA ASN B 231 1.86 8.26 -15.40
C ASN B 231 0.55 7.54 -15.04
N GLN B 232 -0.51 8.32 -14.90
CA GLN B 232 -1.85 7.77 -14.60
C GLN B 232 -1.83 6.82 -13.37
N SER B 233 -1.19 7.25 -12.28
CA SER B 233 -1.07 6.44 -11.07
C SER B 233 -0.47 5.04 -11.33
N LEU B 234 0.44 4.95 -12.30
CA LEU B 234 1.11 3.69 -12.64
C LEU B 234 2.61 3.93 -12.82
N PHE B 235 3.13 4.95 -12.11
CA PHE B 235 4.57 5.18 -12.07
C PHE B 235 5.34 3.97 -11.55
N ASN B 236 4.84 3.37 -10.47
CA ASN B 236 5.30 2.05 -10.08
C ASN B 236 4.08 1.15 -9.90
N THR B 237 4.32 -0.05 -9.38
CA THR B 237 3.26 -1.04 -9.16
C THR B 237 2.29 -0.47 -8.14
N PRO B 238 1.04 -0.17 -8.57
CA PRO B 238 -0.01 0.28 -7.66
C PRO B 238 -0.53 -0.91 -6.85
N PRO B 239 -1.29 -0.66 -5.77
CA PRO B 239 -1.76 -1.85 -5.05
C PRO B 239 -2.94 -2.43 -5.81
N THR B 240 -2.69 -3.47 -6.60
CA THR B 240 -3.70 -3.83 -7.62
C THR B 240 -4.94 -4.40 -7.00
N PHE B 241 -4.77 -5.17 -5.94
CA PHE B 241 -5.93 -5.70 -5.29
C PHE B 241 -6.80 -4.56 -4.73
N ALA B 242 -6.20 -3.70 -3.90
CA ALA B 242 -6.90 -2.56 -3.32
C ALA B 242 -7.69 -1.76 -4.37
N ILE B 243 -7.10 -1.58 -5.56
CA ILE B 243 -7.70 -0.76 -6.61
C ILE B 243 -8.90 -1.45 -7.24
N TYR B 244 -8.84 -2.78 -7.23
CA TYR B 244 -9.92 -3.56 -7.77
C TYR B 244 -11.06 -3.62 -6.76
N PHE B 246 -11.68 -1.11 -4.65
CA PHE B 246 -12.23 0.24 -4.77
C PHE B 246 -13.26 0.34 -5.90
N ASN B 247 -12.88 -0.21 -7.04
CA ASN B 247 -13.75 -0.27 -8.20
C ASN B 247 -15.06 -1.01 -7.91
N LEU B 248 -15.00 -2.14 -7.18
CA LEU B 248 -16.24 -2.81 -6.79
C LEU B 248 -17.05 -1.92 -5.81
N GLU B 249 -16.37 -1.15 -4.98
CA GLU B 249 -17.02 -0.19 -4.09
C GLU B 249 -17.74 0.88 -4.93
N ASP B 251 -18.89 0.68 -7.90
CA ASP B 251 -20.10 0.14 -8.56
C ASP B 251 -21.21 0.06 -7.51
N TRP B 252 -20.82 -0.30 -6.30
CA TRP B 252 -21.82 -0.46 -5.24
C TRP B 252 -22.51 0.88 -4.90
N LEU B 253 -21.74 1.97 -4.88
CA LEU B 253 -22.24 3.31 -4.57
C LEU B 253 -23.20 3.77 -5.70
N LEU B 254 -22.76 3.61 -6.93
CA LEU B 254 -23.60 3.90 -8.09
C LEU B 254 -24.93 3.12 -8.05
N ASN B 255 -24.88 1.82 -7.76
CA ASN B 255 -26.13 1.04 -7.70
C ASN B 255 -27.14 1.48 -6.64
N GLN B 256 -26.69 2.27 -5.68
CA GLN B 256 -27.55 2.77 -4.62
C GLN B 256 -28.26 4.07 -4.91
N GLY B 257 -27.91 4.73 -6.00
CA GLY B 257 -28.56 5.97 -6.39
C GLY B 257 -27.67 7.19 -6.20
N GLY B 258 -26.40 6.94 -5.88
CA GLY B 258 -25.42 8.00 -5.70
C GLY B 258 -25.44 8.65 -4.33
N LEU B 259 -24.64 9.71 -4.23
CA LEU B 259 -24.23 10.24 -2.95
C LEU B 259 -25.35 10.84 -2.12
N ASP B 260 -26.36 11.43 -2.77
CA ASP B 260 -27.53 11.94 -2.04
C ASP B 260 -28.28 10.84 -1.29
N LYS B 261 -28.48 9.72 -1.97
CA LYS B 261 -29.14 8.59 -1.36
C LYS B 261 -28.29 8.04 -0.21
N VAL B 262 -26.98 7.94 -0.43
CA VAL B 262 -26.08 7.43 0.58
C VAL B 262 -26.14 8.33 1.82
N HIS B 263 -26.08 9.63 1.59
CA HIS B 263 -26.13 10.60 2.66
C HIS B 263 -27.44 10.54 3.45
N GLU B 264 -28.53 10.34 2.73
CA GLU B 264 -29.82 10.30 3.40
C GLU B 264 -29.96 9.01 4.25
N LYS B 265 -29.40 7.89 3.80
CA LYS B 265 -29.36 6.69 4.63
C LYS B 265 -28.49 6.90 5.90
N ASN B 266 -27.38 7.61 5.73
CA ASN B 266 -26.50 7.95 6.84
C ASN B 266 -27.12 8.92 7.84
N SER B 267 -27.91 9.89 7.37
CA SER B 267 -28.63 10.77 8.30
C SER B 267 -29.62 9.98 9.15
N GLN B 268 -30.38 9.10 8.50
CA GLN B 268 -31.30 8.22 9.21
C GLN B 268 -30.60 7.47 10.36
N LYS B 269 -29.50 6.79 10.04
CA LYS B 269 -28.74 6.03 11.02
C LYS B 269 -28.21 6.90 12.15
N ALA B 270 -27.51 7.98 11.82
CA ALA B 270 -26.97 8.86 12.86
C ALA B 270 -28.11 9.45 13.73
N THR B 271 -29.19 9.92 13.11
CA THR B 271 -30.33 10.45 13.84
C THR B 271 -30.88 9.44 14.85
N LEU B 273 -29.12 6.90 16.31
CA LEU B 273 -28.19 6.73 17.40
C LEU B 273 -28.24 7.91 18.34
N TYR B 274 -28.19 9.11 17.78
CA TYR B 274 -28.16 10.31 18.63
C TYR B 274 -29.41 10.47 19.49
N GLU B 275 -30.55 10.06 18.96
CA GLU B 275 -31.78 9.98 19.73
C GLU B 275 -31.63 9.00 20.86
N CYS B 276 -31.03 7.85 20.56
N CYS B 276 -31.04 7.85 20.59
CA CYS B 276 -30.74 6.81 21.56
CA CYS B 276 -30.85 6.89 21.66
C CYS B 276 -29.95 7.41 22.74
C CYS B 276 -30.05 7.54 22.79
N ILE B 277 -29.01 8.30 22.42
CA ILE B 277 -28.16 8.94 23.42
C ILE B 277 -28.95 10.05 24.16
N ASP B 278 -29.60 10.91 23.39
CA ASP B 278 -30.30 12.06 23.92
C ASP B 278 -31.51 11.69 24.80
N LEU B 279 -32.18 10.61 24.43
CA LEU B 279 -33.34 10.17 25.20
C LEU B 279 -32.99 9.20 26.33
N SER B 280 -31.71 9.08 26.65
CA SER B 280 -31.28 8.12 27.70
C SER B 280 -31.34 8.66 29.13
N ASN B 281 -32.01 9.80 29.33
CA ASN B 281 -32.04 10.42 30.66
C ASN B 281 -30.62 10.58 31.30
N GLY B 282 -29.67 11.03 30.48
CA GLY B 282 -28.31 11.31 30.90
C GLY B 282 -27.34 10.13 31.02
N PHE B 283 -27.86 8.91 30.86
CA PHE B 283 -27.05 7.71 31.06
C PHE B 283 -25.90 7.64 30.06
N TYR B 284 -26.24 7.82 28.78
CA TYR B 284 -25.21 8.02 27.76
C TYR B 284 -25.06 9.49 27.45
N LYS B 285 -23.83 9.92 27.22
CA LYS B 285 -23.59 11.30 26.80
C LYS B 285 -22.54 11.37 25.71
N GLY B 286 -22.80 12.20 24.70
CA GLY B 286 -21.93 12.29 23.53
C GLY B 286 -20.78 13.27 23.75
N HIS B 287 -19.63 12.96 23.17
CA HIS B 287 -18.51 13.87 23.33
C HIS B 287 -18.74 15.19 22.58
N ALA B 288 -19.31 15.09 21.38
CA ALA B 288 -19.41 16.22 20.45
C ALA B 288 -20.56 17.15 20.78
N ASP B 289 -20.28 18.45 20.70
CA ASP B 289 -21.32 19.48 20.70
C ASP B 289 -22.32 19.14 19.62
N LYS B 290 -23.61 19.32 19.88
CA LYS B 290 -24.63 18.83 18.96
C LYS B 290 -24.54 19.35 17.51
N LYS B 291 -24.26 20.64 17.34
CA LYS B 291 -24.22 21.22 16.00
C LYS B 291 -23.18 20.54 15.09
N ASP B 292 -22.10 20.02 15.68
CA ASP B 292 -21.00 19.40 14.93
C ASP B 292 -20.95 17.86 14.93
N ARG B 293 -21.95 17.22 15.51
CA ARG B 293 -21.99 15.76 15.48
C ARG B 293 -21.70 15.12 14.12
N SER B 294 -20.70 14.27 14.09
CA SER B 294 -20.41 13.46 12.92
C SER B 294 -21.55 12.48 12.61
N LEU B 295 -21.80 12.31 11.32
CA LEU B 295 -22.65 11.23 10.80
C LEU B 295 -21.93 9.88 10.73
N ASN B 297 -18.84 8.81 12.81
CA ASN B 297 -18.30 8.30 14.07
C ASN B 297 -18.98 8.98 15.24
N VAL B 298 -19.73 8.17 16.00
CA VAL B 298 -20.49 8.65 17.15
C VAL B 298 -19.73 8.26 18.42
N SER B 299 -19.16 9.27 19.08
CA SER B 299 -18.30 9.06 20.25
C SER B 299 -19.08 9.47 21.48
N PHE B 300 -19.25 8.54 22.43
CA PHE B 300 -20.03 8.86 23.61
C PHE B 300 -19.51 8.12 24.83
N ASN B 301 -20.00 8.52 26.00
CA ASN B 301 -19.55 7.92 27.25
C ASN B 301 -20.74 7.48 28.09
N ILE B 302 -20.48 6.64 29.08
CA ILE B 302 -21.46 6.38 30.14
C ILE B 302 -21.25 7.33 31.31
N ALA B 303 -22.06 8.39 31.35
CA ALA B 303 -21.66 9.62 32.03
C ALA B 303 -21.35 9.37 33.49
N LYS B 304 -22.21 8.61 34.16
CA LYS B 304 -22.22 8.56 35.62
C LYS B 304 -21.43 7.36 36.13
N ASN B 305 -20.89 6.58 35.20
CA ASN B 305 -20.14 5.38 35.56
C ASN B 305 -19.17 4.95 34.46
N LYS B 306 -17.96 5.47 34.51
CA LYS B 306 -16.92 5.12 33.54
C LYS B 306 -16.69 3.61 33.50
N ASP B 307 -16.70 2.99 34.67
CA ASP B 307 -16.28 1.59 34.81
C ASP B 307 -17.26 0.66 34.10
N LEU B 308 -18.37 1.22 33.62
CA LEU B 308 -19.38 0.43 32.94
C LEU B 308 -19.02 0.24 31.46
N GLU B 309 -18.18 1.12 30.95
CA GLU B 309 -17.80 1.08 29.53
C GLU B 309 -17.15 -0.20 29.04
N PRO B 310 -16.16 -0.74 29.78
CA PRO B 310 -15.60 -2.02 29.32
C PRO B 310 -16.63 -3.14 29.41
N LEU B 311 -17.58 -3.03 30.33
CA LEU B 311 -18.65 -4.02 30.37
C LEU B 311 -19.55 -3.90 29.14
N PHE B 312 -19.74 -2.67 28.71
CA PHE B 312 -20.60 -2.38 27.59
C PHE B 312 -19.97 -3.05 26.38
N VAL B 313 -18.70 -2.77 26.16
CA VAL B 313 -17.98 -3.33 25.02
C VAL B 313 -18.06 -4.86 24.98
N LYS B 314 -17.78 -5.51 26.12
CA LYS B 314 -17.76 -6.98 26.19
C LYS B 314 -19.14 -7.60 25.96
N GLU B 315 -20.16 -7.03 26.57
CA GLU B 315 -21.50 -7.56 26.39
C GLU B 315 -21.98 -7.35 24.94
N ALA B 316 -21.67 -6.17 24.41
CA ALA B 316 -21.97 -5.88 23.03
C ALA B 316 -21.36 -7.00 22.19
N GLU B 317 -20.11 -7.33 22.51
CA GLU B 317 -19.40 -8.40 21.82
C GLU B 317 -20.16 -9.73 21.85
N GLU B 318 -20.55 -10.19 23.02
CA GLU B 318 -21.22 -11.48 23.09
C GLU B 318 -22.54 -11.42 22.36
N ALA B 319 -23.11 -10.23 22.28
CA ALA B 319 -24.29 -9.96 21.44
C ALA B 319 -23.95 -9.70 19.96
N GLY B 320 -22.73 -10.01 19.56
CA GLY B 320 -22.39 -10.05 18.14
C GLY B 320 -22.00 -8.76 17.46
N ILE B 322 -18.96 -5.72 17.27
CA ILE B 322 -17.58 -5.45 17.59
C ILE B 322 -17.15 -4.05 17.14
N GLY B 323 -16.05 -3.56 17.69
CA GLY B 323 -15.40 -2.36 17.23
C GLY B 323 -15.83 -1.13 18.02
N LEU B 324 -16.57 -1.35 19.10
CA LEU B 324 -17.21 -0.25 19.84
C LEU B 324 -16.33 0.42 20.88
N LYS B 325 -15.13 -0.09 21.14
CA LYS B 325 -14.30 0.58 22.14
C LYS B 325 -13.82 1.96 21.66
N GLY B 326 -14.08 3.00 22.42
CA GLY B 326 -13.58 4.33 22.07
C GLY B 326 -12.05 4.35 21.96
N HIS B 327 -11.53 5.32 21.20
CA HIS B 327 -10.09 5.55 21.14
C HIS B 327 -9.50 5.92 22.49
N ARG B 328 -8.27 5.48 22.76
CA ARG B 328 -7.65 5.64 24.09
C ARG B 328 -7.73 7.08 24.57
N ILE B 329 -7.55 8.00 23.64
CA ILE B 329 -7.49 9.43 23.96
C ILE B 329 -8.72 9.97 24.64
N LEU B 330 -9.85 9.30 24.44
CA LEU B 330 -11.13 9.79 24.93
C LEU B 330 -11.79 8.77 25.82
N GLY B 331 -11.43 7.51 25.61
CA GLY B 331 -12.10 6.40 26.26
C GLY B 331 -13.52 6.25 25.74
N GLY B 332 -14.43 5.83 26.59
CA GLY B 332 -15.84 5.75 26.23
C GLY B 332 -16.08 4.71 25.15
N ILE B 333 -17.09 4.98 24.33
CA ILE B 333 -17.56 4.07 23.31
C ILE B 333 -17.49 4.83 21.98
N ARG B 334 -17.32 4.13 20.87
CA ARG B 334 -17.33 4.78 19.57
C ARG B 334 -17.94 3.85 18.52
N ALA B 335 -19.12 4.25 18.06
CA ALA B 335 -19.79 3.55 16.97
C ALA B 335 -19.51 4.22 15.64
N SER B 336 -18.75 3.53 14.78
CA SER B 336 -18.55 4.01 13.42
C SER B 336 -19.67 3.42 12.55
N ILE B 337 -20.43 4.29 11.91
CA ILE B 337 -21.56 3.83 11.08
C ILE B 337 -21.39 4.27 9.63
N TYR B 338 -20.34 3.73 9.02
CA TYR B 338 -19.98 4.04 7.63
C TYR B 338 -21.03 3.51 6.68
N ASN B 339 -20.89 3.85 5.40
CA ASN B 339 -21.88 3.48 4.37
C ASN B 339 -22.31 2.04 4.48
N ALA B 340 -21.35 1.14 4.72
CA ALA B 340 -21.61 -0.29 4.65
C ALA B 340 -22.50 -0.80 5.79
N LEU B 341 -22.71 0.03 6.82
CA LEU B 341 -23.60 -0.33 7.92
C LEU B 341 -24.99 0.14 7.60
N ASN B 342 -25.97 -0.71 7.92
CA ASN B 342 -27.35 -0.37 7.61
C ASN B 342 -28.14 0.00 8.86
N LEU B 343 -29.31 0.59 8.64
CA LEU B 343 -30.10 1.07 9.75
C LEU B 343 -30.56 -0.04 10.71
N ASP B 344 -30.80 -1.25 10.19
CA ASP B 344 -31.14 -2.37 11.08
C ASP B 344 -29.98 -2.67 12.05
N GLN B 345 -28.76 -2.55 11.55
CA GLN B 345 -27.63 -2.79 12.43
C GLN B 345 -27.52 -1.71 13.51
N VAL B 346 -27.85 -0.47 13.14
CA VAL B 346 -27.86 0.62 14.11
C VAL B 346 -29.03 0.43 15.10
N LYS B 347 -30.16 -0.07 14.63
CA LYS B 347 -31.26 -0.42 15.52
C LYS B 347 -30.83 -1.48 16.52
N THR B 348 -30.17 -2.55 16.05
CA THR B 348 -29.64 -3.57 16.97
C THR B 348 -28.77 -2.99 18.11
N LEU B 349 -27.86 -2.08 17.78
CA LEU B 349 -27.04 -1.45 18.81
C LEU B 349 -27.91 -0.60 19.78
N CYS B 350 -28.89 0.13 19.25
CA CYS B 350 -29.77 0.96 20.10
C CYS B 350 -30.54 0.10 21.12
N GLU B 351 -31.05 -1.02 20.66
CA GLU B 351 -31.74 -1.94 21.53
C GLU B 351 -30.77 -2.47 22.62
N PHE B 352 -29.52 -2.74 22.22
CA PHE B 352 -28.53 -3.16 23.20
C PHE B 352 -28.33 -2.04 24.21
N LYS B 354 -30.31 0.30 25.13
CA LYS B 354 -31.47 0.39 26.02
C LYS B 354 -31.46 -0.74 27.07
N GLU B 355 -31.18 -1.96 26.62
N GLU B 355 -31.20 -1.97 26.62
CA GLU B 355 -31.17 -3.10 27.53
CA GLU B 355 -31.15 -3.10 27.56
C GLU B 355 -30.01 -3.02 28.53
C GLU B 355 -30.04 -2.90 28.57
N PHE B 356 -28.86 -2.50 28.10
CA PHE B 356 -27.69 -2.32 28.99
C PHE B 356 -28.05 -1.29 30.08
N GLN B 357 -28.61 -0.16 29.67
CA GLN B 357 -29.04 0.85 30.60
C GLN B 357 -30.03 0.27 31.67
N GLY B 358 -31.02 -0.48 31.20
CA GLY B 358 -32.01 -1.10 32.07
C GLY B 358 -31.33 -1.94 33.13
N LYS B 359 -30.31 -2.69 32.69
CA LYS B 359 -29.55 -3.56 33.57
C LYS B 359 -28.77 -2.77 34.62
N TYR B 360 -28.10 -1.71 34.19
CA TYR B 360 -27.02 -1.11 34.99
C TYR B 360 -27.27 0.30 35.52
N ALA B 361 -28.42 0.86 35.17
CA ALA B 361 -28.76 2.22 35.54
C ALA B 361 -29.38 2.24 36.94
#